data_2RUS
#
_entry.id   2RUS
#
_cell.length_a   65.500
_cell.length_b   70.600
_cell.length_c   104.100
_cell.angle_alpha   90.00
_cell.angle_beta   92.10
_cell.angle_gamma   90.00
#
_symmetry.space_group_name_H-M   'P 1 21 1'
#
loop_
_entity.id
_entity.type
_entity.pdbx_description
1 polymer 'RUBISCO (RIBULOSE-1,5-BISPHOSPHATE CARBOXYLASE(SLASH)OXYGENASE)'
2 non-polymer 'MAGNESIUM ION'
3 non-polymer 'FORMYL GROUP'
4 water water
#
_entity_poly.entity_id   1
_entity_poly.type   'polypeptide(L)'
_entity_poly.pdbx_seq_one_letter_code
;TMITNSPDRWGYSAPHRTSRESPPMDQSSRYVNLALKEEDLIAGGEHVLCAYIMKPKAGYGYVATAAHFAAESSTGTNVE
VCTTDDFTRGVDALVYEVDEARELTKIAYPVALFDRNITDGKAMIASFLTLTMGNNQGMGDVEYAKMHDFYVPEAYRALF
DGPSVNISALWKVLGRPEVDGGLVVGTIIKPKLGLRPKPFAEACHAFWLGGDFIKNDEPQGNQPFAPLRDTIALVADAMR
RAQDETGEAKLFSANITADDPFEIIARGEYVLETFGENASHVALLVDGYVAGAAAITTARRRFPDNFLHYHRAGHGAVTS
PQSKRGYTAFVHCKMARLQGASGIHTGTMGFGKMEGESSDRAIAYMLTQDEAQGPFYRQSWGGMKACTPIISGGMNALRM
PGFFENLGNANVILTAGGGAFGHIDGPVAGARSLRQAWQAWRDGVPVLDYAREHKELARAFESFPGDADQIYPGWRKALG
VEDTRSALPA
;
_entity_poly.pdbx_strand_id   A,B
#
# COMPACT_ATOMS: atom_id res chain seq x y z
N ASP A 26 0.77 -23.68 -14.15
CA ASP A 26 -0.41 -24.57 -14.33
C ASP A 26 0.09 -25.96 -13.89
N GLN A 27 1.36 -26.23 -14.27
CA GLN A 27 1.87 -27.55 -13.90
C GLN A 27 1.97 -27.76 -12.39
N SER A 28 1.25 -28.84 -12.14
CA SER A 28 0.99 -29.65 -10.95
C SER A 28 2.28 -30.47 -11.08
N SER A 29 2.43 -31.68 -10.62
CA SER A 29 3.65 -32.51 -10.79
C SER A 29 4.93 -31.86 -10.25
N ARG A 30 5.26 -30.67 -10.69
CA ARG A 30 6.42 -29.87 -10.34
C ARG A 30 6.21 -29.05 -9.09
N TYR A 31 5.10 -28.34 -9.02
CA TYR A 31 4.77 -27.45 -7.90
C TYR A 31 3.78 -27.96 -6.88
N VAL A 32 3.63 -29.24 -6.65
CA VAL A 32 2.66 -29.80 -5.70
C VAL A 32 3.36 -31.02 -5.11
N ASN A 33 3.38 -31.09 -3.81
CA ASN A 33 4.01 -32.24 -3.13
C ASN A 33 3.28 -32.37 -1.77
N LEU A 34 2.05 -32.79 -2.04
CA LEU A 34 1.05 -33.08 -1.00
C LEU A 34 1.78 -34.29 -0.47
N ALA A 35 2.32 -34.42 0.69
CA ALA A 35 3.08 -35.62 1.06
C ALA A 35 4.29 -35.14 1.86
N LEU A 36 4.47 -33.83 1.78
CA LEU A 36 5.52 -33.10 2.48
C LEU A 36 4.94 -32.90 3.90
N LYS A 37 5.66 -33.42 4.85
CA LYS A 37 5.26 -33.23 6.25
C LYS A 37 5.64 -31.77 6.55
N GLU A 38 4.71 -31.01 7.07
CA GLU A 38 4.86 -29.62 7.45
C GLU A 38 5.95 -29.42 8.51
N GLU A 39 6.10 -30.40 9.37
CA GLU A 39 7.07 -30.40 10.45
C GLU A 39 8.51 -30.54 9.95
N ASP A 40 8.63 -31.25 8.85
CA ASP A 40 9.93 -31.48 8.17
C ASP A 40 10.39 -30.13 7.60
N LEU A 41 9.42 -29.45 7.03
CA LEU A 41 9.55 -28.11 6.43
C LEU A 41 10.03 -27.11 7.49
N ILE A 42 9.37 -27.12 8.63
CA ILE A 42 9.70 -26.26 9.78
C ILE A 42 11.06 -26.73 10.33
N ALA A 43 11.18 -28.03 10.55
CA ALA A 43 12.42 -28.65 11.00
C ALA A 43 13.61 -28.15 10.17
N GLY A 44 13.58 -28.32 8.85
CA GLY A 44 14.74 -27.79 8.05
C GLY A 44 14.38 -26.38 7.67
N GLY A 45 14.58 -25.39 8.50
CA GLY A 45 14.22 -24.01 8.22
C GLY A 45 14.79 -23.23 7.03
N GLU A 46 14.30 -23.61 5.87
CA GLU A 46 14.68 -23.04 4.57
C GLU A 46 13.53 -22.77 3.62
N HIS A 47 12.32 -22.72 4.16
CA HIS A 47 11.07 -22.45 3.50
C HIS A 47 10.17 -21.59 4.42
N VAL A 48 9.65 -20.58 3.80
CA VAL A 48 8.71 -19.59 4.33
C VAL A 48 7.39 -20.35 4.08
N LEU A 49 6.45 -20.29 5.00
CA LEU A 49 5.21 -21.09 4.76
C LEU A 49 4.09 -20.06 4.76
N CYS A 50 3.13 -20.32 3.89
CA CYS A 50 1.98 -19.42 3.69
C CYS A 50 0.72 -20.26 3.60
N ALA A 51 -0.29 -19.80 4.30
CA ALA A 51 -1.59 -20.47 4.40
C ALA A 51 -2.66 -19.49 3.92
N TYR A 52 -3.32 -19.88 2.86
CA TYR A 52 -4.34 -19.04 2.25
C TYR A 52 -5.69 -19.72 2.24
N ILE A 53 -6.70 -18.90 2.03
CA ILE A 53 -8.07 -19.40 1.87
C ILE A 53 -8.29 -19.03 0.39
N MET A 54 -8.07 -19.97 -0.50
CA MET A 54 -8.24 -19.72 -1.96
C MET A 54 -9.37 -20.55 -2.54
N LYS A 55 -10.09 -19.93 -3.46
CA LYS A 55 -11.20 -20.55 -4.18
C LYS A 55 -10.96 -20.47 -5.68
N PRO A 56 -10.89 -21.65 -6.29
CA PRO A 56 -10.73 -21.76 -7.76
C PRO A 56 -11.94 -21.05 -8.39
N LYS A 57 -11.67 -20.36 -9.48
CA LYS A 57 -12.69 -19.60 -10.21
C LYS A 57 -14.04 -20.29 -10.24
N ALA A 58 -14.25 -21.22 -11.14
CA ALA A 58 -15.52 -21.95 -11.33
C ALA A 58 -15.39 -22.85 -12.56
N GLY A 59 -15.12 -24.12 -12.40
CA GLY A 59 -14.93 -25.05 -13.52
C GLY A 59 -13.53 -25.66 -13.53
N TYR A 60 -12.66 -24.98 -12.83
CA TYR A 60 -11.23 -25.24 -12.62
C TYR A 60 -11.06 -26.23 -11.49
N GLY A 61 -9.91 -26.86 -11.41
CA GLY A 61 -9.57 -27.86 -10.41
C GLY A 61 -8.81 -27.22 -9.26
N TYR A 62 -9.25 -27.58 -8.06
CA TYR A 62 -8.68 -27.08 -6.82
C TYR A 62 -7.17 -27.25 -6.78
N VAL A 63 -6.70 -28.46 -6.99
CA VAL A 63 -5.24 -28.70 -6.90
C VAL A 63 -4.45 -28.22 -8.09
N ALA A 64 -5.13 -28.06 -9.22
CA ALA A 64 -4.58 -27.60 -10.49
C ALA A 64 -4.23 -26.11 -10.36
N THR A 65 -5.18 -25.42 -9.77
CA THR A 65 -5.22 -23.99 -9.50
C THR A 65 -4.24 -23.55 -8.43
N ALA A 66 -3.94 -24.49 -7.57
CA ALA A 66 -3.06 -24.34 -6.43
C ALA A 66 -1.61 -24.51 -6.91
N ALA A 67 -1.48 -25.30 -7.97
CA ALA A 67 -0.20 -25.61 -8.62
C ALA A 67 0.21 -24.36 -9.39
N HIS A 68 -0.81 -23.78 -9.96
CA HIS A 68 -0.77 -22.56 -10.77
C HIS A 68 -0.49 -21.32 -9.96
N PHE A 69 -1.09 -21.25 -8.78
CA PHE A 69 -0.90 -20.09 -7.86
C PHE A 69 0.53 -20.27 -7.38
N ALA A 70 0.94 -21.47 -7.02
CA ALA A 70 2.34 -21.66 -6.58
C ALA A 70 3.31 -21.16 -7.66
N ALA A 71 3.06 -21.49 -8.90
CA ALA A 71 3.79 -21.19 -10.13
C ALA A 71 3.98 -19.70 -10.39
N GLU A 72 2.88 -19.00 -10.27
CA GLU A 72 2.86 -17.54 -10.50
C GLU A 72 3.50 -16.73 -9.39
N SER A 73 3.74 -17.35 -8.25
CA SER A 73 4.36 -16.76 -7.07
C SER A 73 5.81 -17.17 -6.91
N SER A 74 6.32 -18.00 -7.81
CA SER A 74 7.71 -18.45 -7.72
C SER A 74 8.48 -18.23 -9.03
N THR A 75 8.84 -19.29 -9.70
CA THR A 75 9.57 -19.38 -10.95
C THR A 75 8.74 -19.24 -12.20
N GLY A 76 7.43 -19.37 -12.14
CA GLY A 76 6.53 -19.20 -13.30
C GLY A 76 6.78 -20.31 -14.33
N THR A 77 7.79 -20.12 -15.15
CA THR A 77 8.27 -21.11 -16.13
C THR A 77 7.68 -20.74 -17.51
N ASN A 78 6.58 -21.27 -17.89
CA ASN A 78 5.99 -20.92 -19.21
C ASN A 78 6.10 -22.15 -20.12
N THR A 88 15.76 -25.72 -13.64
CA THR A 88 15.98 -25.64 -12.18
C THR A 88 14.66 -25.41 -11.38
N ARG A 89 14.70 -26.24 -10.38
CA ARG A 89 13.62 -26.60 -9.44
C ARG A 89 14.03 -26.89 -8.00
N GLY A 90 14.82 -26.02 -7.40
CA GLY A 90 15.23 -26.14 -5.98
C GLY A 90 14.68 -24.84 -5.36
N VAL A 91 14.34 -23.94 -6.26
CA VAL A 91 13.79 -22.60 -6.15
C VAL A 91 12.29 -22.53 -6.35
N ASP A 92 11.61 -23.65 -6.56
CA ASP A 92 10.15 -23.71 -6.75
C ASP A 92 9.33 -23.74 -5.42
N ALA A 93 8.19 -23.10 -5.51
CA ALA A 93 7.11 -22.94 -4.56
C ALA A 93 6.24 -24.22 -4.70
N LEU A 94 6.29 -25.02 -3.65
CA LEU A 94 5.55 -26.28 -3.62
C LEU A 94 4.34 -26.07 -2.70
N VAL A 95 3.25 -26.62 -3.20
CA VAL A 95 1.93 -26.66 -2.57
C VAL A 95 2.13 -27.95 -1.72
N TYR A 96 2.02 -27.83 -0.43
CA TYR A 96 2.25 -29.03 0.39
C TYR A 96 0.98 -29.51 1.06
N GLU A 97 -0.01 -28.63 1.17
CA GLU A 97 -1.26 -29.08 1.80
C GLU A 97 -2.40 -28.40 1.09
N VAL A 98 -3.47 -29.13 0.92
CA VAL A 98 -4.70 -28.65 0.24
C VAL A 98 -5.88 -29.24 1.02
N ASP A 99 -6.98 -28.54 0.88
CA ASP A 99 -8.25 -28.92 1.53
C ASP A 99 -9.36 -28.10 0.85
N GLU A 100 -9.96 -28.79 -0.10
CA GLU A 100 -11.01 -28.22 -0.93
C GLU A 100 -12.26 -27.80 -0.19
N ALA A 101 -12.68 -28.55 0.80
CA ALA A 101 -13.93 -28.20 1.53
C ALA A 101 -13.72 -26.83 2.18
N ARG A 102 -12.66 -26.80 3.00
CA ARG A 102 -12.23 -25.62 3.72
C ARG A 102 -11.56 -24.52 2.91
N GLU A 103 -11.30 -24.75 1.63
CA GLU A 103 -10.64 -23.80 0.73
C GLU A 103 -9.26 -23.44 1.28
N LEU A 104 -8.57 -24.37 1.91
CA LEU A 104 -7.23 -24.16 2.48
C LEU A 104 -6.06 -24.67 1.63
N THR A 105 -5.28 -23.70 1.19
CA THR A 105 -4.09 -23.91 0.38
C THR A 105 -2.84 -23.43 1.09
N LYS A 106 -1.86 -24.29 1.25
CA LYS A 106 -0.57 -24.01 1.86
C LYS A 106 0.58 -24.19 0.88
N ILE A 107 1.38 -23.16 0.75
CA ILE A 107 2.54 -23.09 -0.10
C ILE A 107 3.82 -22.98 0.72
N ALA A 108 4.86 -23.60 0.17
CA ALA A 108 6.18 -23.58 0.79
C ALA A 108 7.07 -22.80 -0.20
N TYR A 109 7.65 -21.72 0.27
CA TYR A 109 8.51 -20.88 -0.53
C TYR A 109 9.96 -21.03 -0.11
N PRO A 110 10.79 -21.51 -1.02
CA PRO A 110 12.21 -21.61 -0.69
C PRO A 110 12.62 -20.22 -0.28
N VAL A 111 13.53 -20.14 0.66
CA VAL A 111 14.09 -18.89 1.19
C VAL A 111 14.96 -18.15 0.19
N ALA A 112 15.47 -18.87 -0.80
CA ALA A 112 16.36 -18.24 -1.81
C ALA A 112 15.62 -17.27 -2.73
N LEU A 113 14.31 -17.35 -2.82
CA LEU A 113 13.46 -16.49 -3.62
C LEU A 113 13.38 -15.05 -3.11
N PHE A 114 13.48 -14.90 -1.81
CA PHE A 114 13.31 -13.57 -1.19
C PHE A 114 14.50 -12.70 -1.56
N ASP A 115 14.22 -11.44 -1.81
CA ASP A 115 15.17 -10.39 -2.16
C ASP A 115 15.82 -9.85 -0.89
N ARG A 116 17.06 -9.47 -0.95
CA ARG A 116 17.87 -8.93 0.13
C ARG A 116 18.57 -7.63 -0.34
N ASN A 117 18.94 -6.83 0.64
CA ASN A 117 19.63 -5.55 0.38
C ASN A 117 21.06 -5.83 -0.10
N ILE A 118 21.51 -5.10 -1.12
CA ILE A 118 22.87 -5.18 -1.70
C ILE A 118 23.84 -4.45 -0.73
N THR A 119 23.24 -3.54 -0.02
CA THR A 119 23.62 -2.59 1.00
C THR A 119 24.06 -3.21 2.28
N ASP A 120 23.17 -3.75 3.09
CA ASP A 120 23.50 -4.33 4.40
C ASP A 120 23.11 -5.79 4.55
N GLY A 121 22.60 -6.39 3.50
CA GLY A 121 22.19 -7.75 3.37
C GLY A 121 20.93 -8.21 4.06
N LYS A 122 20.18 -7.26 4.55
CA LYS A 122 18.93 -7.46 5.25
C LYS A 122 17.79 -7.75 4.28
N ALA A 123 16.78 -8.43 4.77
CA ALA A 123 15.58 -8.75 4.01
C ALA A 123 14.73 -7.49 3.87
N MET A 124 13.69 -7.60 3.09
CA MET A 124 12.76 -6.51 2.84
C MET A 124 11.36 -7.13 2.84
N ILE A 125 10.43 -6.36 3.36
CA ILE A 125 9.03 -6.77 3.43
C ILE A 125 8.41 -6.70 2.04
N ALA A 126 8.87 -5.77 1.22
CA ALA A 126 8.45 -5.55 -0.17
C ALA A 126 8.57 -6.81 -1.03
N SER A 127 9.58 -7.61 -0.83
CA SER A 127 9.86 -8.84 -1.53
C SER A 127 8.85 -9.90 -1.10
N PHE A 128 8.76 -9.99 0.22
CA PHE A 128 7.82 -10.95 0.82
C PHE A 128 6.42 -10.70 0.27
N LEU A 129 5.95 -9.48 0.20
CA LEU A 129 4.63 -9.19 -0.31
C LEU A 129 4.49 -9.58 -1.78
N THR A 130 5.48 -9.18 -2.54
CA THR A 130 5.57 -9.36 -4.00
C THR A 130 5.50 -10.82 -4.37
N LEU A 131 6.31 -11.60 -3.70
CA LEU A 131 6.34 -13.07 -3.92
C LEU A 131 5.01 -13.71 -3.60
N THR A 132 4.65 -13.65 -2.34
CA THR A 132 3.43 -14.23 -1.77
C THR A 132 2.13 -13.49 -2.00
N MET A 133 2.12 -12.39 -2.71
CA MET A 133 0.86 -11.61 -2.99
C MET A 133 0.94 -10.53 -4.06
N GLY A 134 1.34 -10.73 -5.29
CA GLY A 134 1.45 -9.74 -6.36
C GLY A 134 0.52 -10.11 -7.51
N ASN A 135 1.04 -10.74 -8.55
CA ASN A 135 0.37 -11.21 -9.77
C ASN A 135 -0.80 -12.15 -9.41
N ASN A 136 -0.66 -12.81 -8.27
CA ASN A 136 -1.61 -13.74 -7.67
C ASN A 136 -2.88 -13.09 -7.14
N GLN A 137 -2.92 -11.79 -7.21
CA GLN A 137 -3.99 -10.90 -6.78
C GLN A 137 -4.53 -10.17 -8.01
N GLY A 138 -5.05 -10.96 -8.94
CA GLY A 138 -5.62 -10.42 -10.18
C GLY A 138 -5.49 -11.47 -11.27
N MET A 139 -5.51 -12.70 -10.80
CA MET A 139 -5.39 -13.87 -11.67
C MET A 139 -6.77 -14.34 -12.14
N GLY A 140 -7.01 -14.26 -13.46
CA GLY A 140 -8.32 -14.82 -13.96
C GLY A 140 -7.98 -16.28 -13.62
N ASP A 141 -8.81 -17.07 -13.01
CA ASP A 141 -8.49 -18.47 -12.64
C ASP A 141 -8.85 -18.68 -11.15
N VAL A 142 -8.50 -17.65 -10.39
CA VAL A 142 -8.73 -17.60 -8.94
C VAL A 142 -9.82 -16.54 -8.69
N GLU A 143 -10.77 -16.92 -7.85
CA GLU A 143 -11.87 -15.99 -7.50
C GLU A 143 -11.36 -15.03 -6.42
N TYR A 144 -10.78 -15.65 -5.40
CA TYR A 144 -10.20 -14.94 -4.26
C TYR A 144 -9.09 -15.81 -3.68
N ALA A 145 -8.27 -15.19 -2.89
CA ALA A 145 -7.14 -15.74 -2.17
C ALA A 145 -6.72 -14.67 -1.14
N LYS A 146 -6.72 -15.10 0.10
CA LYS A 146 -6.36 -14.25 1.24
C LYS A 146 -5.46 -15.04 2.18
N MET A 147 -4.35 -14.40 2.47
CA MET A 147 -3.36 -14.98 3.39
C MET A 147 -3.86 -14.80 4.83
N HIS A 148 -3.85 -15.92 5.53
CA HIS A 148 -4.29 -16.10 6.93
C HIS A 148 -3.17 -16.23 7.94
N ASP A 149 -2.01 -16.67 7.56
CA ASP A 149 -0.85 -16.81 8.48
C ASP A 149 0.37 -17.08 7.59
N PHE A 150 1.55 -16.86 8.12
CA PHE A 150 2.80 -17.10 7.40
C PHE A 150 3.82 -17.54 8.47
N TYR A 151 4.83 -18.26 8.02
CA TYR A 151 5.88 -18.75 8.91
C TYR A 151 7.25 -18.36 8.38
N VAL A 152 8.12 -17.79 9.16
CA VAL A 152 9.46 -17.44 8.72
C VAL A 152 10.46 -18.18 9.60
N PRO A 153 11.39 -18.86 8.95
CA PRO A 153 12.46 -19.58 9.66
C PRO A 153 13.46 -18.57 10.21
N GLU A 154 14.37 -18.99 11.02
CA GLU A 154 15.41 -18.25 11.70
C GLU A 154 16.43 -17.48 10.87
N ALA A 155 16.96 -18.14 9.88
CA ALA A 155 17.92 -17.66 8.88
C ALA A 155 17.39 -16.42 8.14
N TYR A 156 16.14 -16.51 7.76
CA TYR A 156 15.34 -15.50 7.09
C TYR A 156 14.82 -14.44 8.07
N ARG A 157 14.18 -14.87 9.14
CA ARG A 157 13.64 -14.05 10.20
C ARG A 157 14.77 -13.20 10.74
N ALA A 158 15.93 -13.74 11.01
CA ALA A 158 17.09 -12.99 11.50
C ALA A 158 17.63 -11.87 10.62
N LEU A 159 17.29 -11.78 9.37
CA LEU A 159 17.63 -10.84 8.31
C LEU A 159 16.81 -9.56 8.38
N PHE A 160 15.63 -9.57 8.93
CA PHE A 160 14.70 -8.44 9.12
C PHE A 160 15.18 -7.46 10.17
N ASP A 161 14.74 -6.22 10.10
CA ASP A 161 15.15 -5.16 11.06
C ASP A 161 14.73 -5.36 12.53
N GLY A 162 13.44 -5.59 12.70
CA GLY A 162 12.79 -5.78 13.98
C GLY A 162 12.69 -4.45 14.70
N PRO A 163 11.84 -4.43 15.73
CA PRO A 163 11.65 -3.17 16.49
C PRO A 163 12.94 -2.73 17.15
N SER A 164 13.30 -1.46 17.27
CA SER A 164 14.54 -1.08 17.97
C SER A 164 14.17 -0.70 19.41
N VAL A 165 12.97 -0.19 19.62
CA VAL A 165 12.42 0.24 20.90
C VAL A 165 10.93 -0.16 20.89
N ASN A 166 10.33 -0.08 22.05
CA ASN A 166 8.89 -0.40 22.18
C ASN A 166 8.38 0.42 23.38
N ILE A 167 7.26 0.04 23.97
CA ILE A 167 6.67 0.68 25.14
C ILE A 167 7.66 0.73 26.29
N SER A 168 8.75 0.02 26.43
CA SER A 168 9.72 0.13 27.49
C SER A 168 10.39 1.53 27.49
N ALA A 169 10.49 2.06 26.29
CA ALA A 169 11.09 3.39 26.04
C ALA A 169 10.20 4.46 26.71
N LEU A 170 8.90 4.22 26.58
CA LEU A 170 7.84 5.06 27.12
C LEU A 170 7.91 4.84 28.64
N TRP A 171 7.85 3.62 29.13
CA TRP A 171 7.94 3.24 30.53
C TRP A 171 9.17 3.98 31.05
N LYS A 172 10.33 3.88 30.47
CA LYS A 172 11.49 4.63 30.97
C LYS A 172 11.25 6.12 31.05
N VAL A 173 10.41 6.72 30.22
CA VAL A 173 10.17 8.17 30.33
C VAL A 173 9.26 8.51 31.52
N LEU A 174 8.21 7.75 31.67
CA LEU A 174 7.19 7.88 32.69
C LEU A 174 7.64 7.55 34.10
N GLY A 175 8.84 7.08 34.30
CA GLY A 175 9.40 6.70 35.60
C GLY A 175 8.89 5.31 35.99
N ARG A 176 8.45 4.50 35.06
CA ARG A 176 7.97 3.15 35.38
C ARG A 176 9.06 2.12 35.12
N PRO A 177 8.87 0.93 35.66
CA PRO A 177 9.79 -0.19 35.46
C PRO A 177 9.72 -0.61 33.99
N GLU A 178 10.90 -0.97 33.51
CA GLU A 178 11.22 -1.43 32.16
C GLU A 178 10.53 -2.76 31.91
N VAL A 179 10.19 -3.47 32.94
CA VAL A 179 9.49 -4.77 32.83
C VAL A 179 8.12 -4.69 33.53
N ASP A 180 7.07 -4.88 32.75
CA ASP A 180 5.68 -4.86 33.17
C ASP A 180 5.24 -3.48 33.67
N GLY A 181 5.65 -2.41 33.04
CA GLY A 181 5.36 -1.02 33.31
C GLY A 181 3.91 -0.60 33.32
N GLY A 182 3.00 -1.37 32.80
CA GLY A 182 1.58 -1.08 32.78
C GLY A 182 1.15 -0.17 31.66
N LEU A 183 -0.10 0.19 31.81
CA LEU A 183 -0.94 1.01 31.00
C LEU A 183 -0.47 2.45 30.74
N VAL A 184 -0.54 2.79 29.45
CA VAL A 184 -0.21 4.17 29.00
C VAL A 184 -1.58 4.74 28.56
N VAL A 185 -2.01 5.84 29.20
CA VAL A 185 -3.31 6.44 28.89
C VAL A 185 -3.18 7.58 27.89
N GLY A 186 -3.82 7.33 26.76
CA GLY A 186 -3.88 8.22 25.64
C GLY A 186 -5.22 8.50 25.01
N THR A 187 -5.13 9.41 24.06
CA THR A 187 -6.25 9.87 23.25
C THR A 187 -5.71 10.40 21.93
N ILE A 188 -6.69 10.82 21.15
CA ILE A 188 -6.54 11.45 19.83
C ILE A 188 -7.12 12.87 19.93
N ILE A 189 -6.43 13.92 19.57
CA ILE A 189 -7.14 15.27 19.68
C ILE A 189 -8.02 15.36 18.44
N LYS A 190 -9.21 15.77 18.79
CA LYS A 190 -10.39 16.01 17.94
C LYS A 190 -10.76 17.46 18.14
N PRO A 191 -11.36 18.20 17.18
CA PRO A 191 -11.74 17.69 15.85
C PRO A 191 -10.52 17.24 15.12
N LYS A 192 -10.75 16.31 14.24
CA LYS A 192 -9.69 15.64 13.45
C LYS A 192 -8.83 16.66 12.60
N LEU A 193 -9.44 17.78 12.24
CA LEU A 193 -8.81 18.89 11.42
C LEU A 193 -9.69 20.11 11.73
N GLY A 194 -9.15 21.30 11.88
CA GLY A 194 -9.97 22.48 12.16
C GLY A 194 -9.38 23.42 13.17
N LEU A 195 -8.87 22.86 14.24
CA LEU A 195 -8.20 23.64 15.28
C LEU A 195 -6.96 24.34 14.73
N ARG A 196 -6.79 25.61 15.03
CA ARG A 196 -5.62 26.43 14.67
C ARG A 196 -4.55 26.01 15.69
N PRO A 197 -3.34 26.53 15.56
CA PRO A 197 -2.22 26.21 16.44
C PRO A 197 -2.35 26.42 17.95
N LYS A 198 -2.75 27.55 18.48
CA LYS A 198 -2.92 27.85 19.92
C LYS A 198 -3.95 26.84 20.44
N PRO A 199 -5.14 26.88 19.87
CA PRO A 199 -6.24 25.95 20.17
C PRO A 199 -5.80 24.50 20.19
N PHE A 200 -5.00 24.03 19.25
CA PHE A 200 -4.56 22.64 19.30
C PHE A 200 -3.64 22.45 20.49
N ALA A 201 -2.70 23.35 20.72
CA ALA A 201 -1.73 23.31 21.79
C ALA A 201 -2.38 23.20 23.16
N GLU A 202 -3.39 24.00 23.34
CA GLU A 202 -4.24 24.22 24.48
C GLU A 202 -5.00 22.97 24.83
N ALA A 203 -5.62 22.30 23.89
CA ALA A 203 -6.36 21.06 24.09
C ALA A 203 -5.38 19.96 24.51
N CYS A 204 -4.14 20.05 24.07
CA CYS A 204 -3.09 19.09 24.36
C CYS A 204 -2.74 19.26 25.84
N HIS A 205 -2.60 20.48 26.26
CA HIS A 205 -2.27 20.84 27.63
C HIS A 205 -3.32 20.37 28.65
N ALA A 206 -4.58 20.64 28.38
CA ALA A 206 -5.72 20.24 29.17
C ALA A 206 -5.80 18.72 29.25
N PHE A 207 -5.57 17.99 28.15
CA PHE A 207 -5.62 16.51 28.23
C PHE A 207 -4.40 16.09 29.08
N TRP A 208 -3.27 16.73 28.92
CA TRP A 208 -2.07 16.39 29.67
C TRP A 208 -2.30 16.56 31.16
N LEU A 209 -3.25 17.27 31.70
CA LEU A 209 -3.38 17.32 33.17
C LEU A 209 -3.75 15.95 33.73
N GLY A 210 -4.41 15.05 33.08
CA GLY A 210 -4.75 13.74 33.57
C GLY A 210 -4.22 12.53 32.83
N GLY A 211 -3.94 12.64 31.55
CA GLY A 211 -3.47 11.59 30.67
C GLY A 211 -2.00 11.63 30.31
N ASP A 212 -1.51 10.53 29.73
CA ASP A 212 -0.08 10.43 29.38
C ASP A 212 0.33 10.72 27.94
N PHE A 213 -0.37 10.13 27.03
CA PHE A 213 0.00 10.23 25.60
C PHE A 213 -0.94 10.91 24.65
N ILE A 214 -0.45 11.69 23.73
CA ILE A 214 -1.38 12.33 22.78
C ILE A 214 -0.83 11.97 21.39
N LYS A 215 -1.76 11.59 20.58
CA LYS A 215 -1.62 11.24 19.18
C LYS A 215 -2.10 12.36 18.25
N ASN A 216 -1.45 12.69 17.15
CA ASN A 216 -2.02 13.63 16.20
C ASN A 216 -3.08 12.72 15.55
N ASP A 217 -4.21 13.17 15.09
CA ASP A 217 -5.16 12.26 14.40
C ASP A 217 -4.38 12.11 13.06
N GLU A 218 -4.81 11.18 12.27
CA GLU A 218 -4.30 10.76 10.96
C GLU A 218 -3.87 11.81 9.95
N PRO A 219 -4.70 12.77 9.62
CA PRO A 219 -4.36 13.81 8.67
C PRO A 219 -3.66 15.07 9.16
N GLN A 220 -3.52 15.23 10.47
CA GLN A 220 -2.90 16.47 10.96
C GLN A 220 -1.42 16.47 10.56
N GLY A 221 -1.10 17.56 9.87
CA GLY A 221 0.27 17.76 9.38
C GLY A 221 0.61 19.22 9.17
N ASN A 222 0.70 19.60 7.90
CA ASN A 222 1.06 20.96 7.51
C ASN A 222 -0.08 21.63 6.73
N GLN A 223 -1.25 21.69 7.26
CA GLN A 223 -2.42 22.34 6.68
C GLN A 223 -2.19 23.84 6.83
N PRO A 224 -2.54 24.56 5.77
CA PRO A 224 -2.41 26.02 5.65
C PRO A 224 -2.80 26.83 6.89
N PHE A 225 -3.92 26.41 7.47
CA PHE A 225 -4.51 27.02 8.68
C PHE A 225 -3.82 26.55 9.97
N ALA A 226 -3.02 25.50 9.90
CA ALA A 226 -2.36 25.01 11.11
C ALA A 226 -0.99 24.45 10.75
N PRO A 227 -0.11 25.30 10.25
CA PRO A 227 1.21 24.84 9.79
C PRO A 227 1.88 24.13 10.95
N LEU A 228 2.50 23.04 10.59
CA LEU A 228 3.26 22.07 11.34
C LEU A 228 4.33 22.75 12.17
N ARG A 229 5.05 23.69 11.56
CA ARG A 229 6.09 24.36 12.36
C ARG A 229 5.53 25.10 13.58
N ASP A 230 4.45 25.81 13.39
CA ASP A 230 3.74 26.61 14.39
C ASP A 230 3.12 25.74 15.47
N THR A 231 2.27 24.87 15.02
CA THR A 231 1.53 23.93 15.80
C THR A 231 2.50 23.18 16.70
N ILE A 232 3.54 22.57 16.22
CA ILE A 232 4.50 21.81 17.01
C ILE A 232 5.29 22.61 18.06
N ALA A 233 5.67 23.83 17.75
CA ALA A 233 6.39 24.69 18.70
C ALA A 233 5.42 24.90 19.86
N LEU A 234 4.16 25.27 19.60
CA LEU A 234 3.15 25.47 20.63
C LEU A 234 2.92 24.14 21.37
N VAL A 235 2.79 23.03 20.67
CA VAL A 235 2.61 21.75 21.39
C VAL A 235 3.77 21.54 22.35
N ALA A 236 4.97 21.80 21.89
CA ALA A 236 6.20 21.63 22.67
C ALA A 236 6.12 22.35 24.01
N ASP A 237 5.66 23.56 23.99
CA ASP A 237 5.46 24.47 25.11
C ASP A 237 4.30 23.99 25.98
N ALA A 238 3.28 23.37 25.45
CA ALA A 238 2.12 22.84 26.18
C ALA A 238 2.63 21.64 26.99
N MET A 239 3.63 20.95 26.44
CA MET A 239 4.27 19.80 27.03
C MET A 239 5.11 20.28 28.24
N ARG A 240 5.83 21.38 28.11
CA ARG A 240 6.64 21.84 29.26
C ARG A 240 5.70 22.37 30.36
N ARG A 241 4.63 23.02 29.93
CA ARG A 241 3.65 23.56 30.88
C ARG A 241 2.97 22.43 31.66
N ALA A 242 2.47 21.43 30.98
CA ALA A 242 1.83 20.29 31.62
C ALA A 242 2.73 19.55 32.59
N GLN A 243 3.94 19.28 32.19
CA GLN A 243 4.92 18.53 33.00
C GLN A 243 5.26 19.28 34.29
N ASP A 244 5.41 20.58 34.23
CA ASP A 244 5.70 21.45 35.33
C ASP A 244 4.57 21.50 36.36
N GLU A 245 3.37 21.59 35.89
CA GLU A 245 2.18 21.67 36.73
C GLU A 245 1.70 20.38 37.39
N THR A 246 2.18 19.26 36.88
CA THR A 246 1.81 17.95 37.32
C THR A 246 2.97 17.18 37.91
N GLY A 247 4.21 17.52 37.60
CA GLY A 247 5.33 16.72 38.12
C GLY A 247 5.46 15.37 37.42
N GLU A 248 4.74 15.10 36.37
CA GLU A 248 4.71 13.91 35.55
C GLU A 248 5.10 14.18 34.07
N ALA A 249 5.79 13.16 33.56
CA ALA A 249 6.24 13.12 32.19
C ALA A 249 5.04 12.90 31.26
N LYS A 250 5.05 13.63 30.14
CA LYS A 250 4.04 13.56 29.10
C LYS A 250 4.70 13.08 27.80
N LEU A 251 3.87 12.49 26.95
CA LEU A 251 4.19 11.90 25.67
C LEU A 251 3.30 12.44 24.54
N PHE A 252 3.89 12.60 23.36
CA PHE A 252 3.21 13.08 22.14
C PHE A 252 3.62 12.14 21.01
N SER A 253 2.70 11.90 20.11
CA SER A 253 2.94 11.05 18.92
C SER A 253 2.63 11.95 17.72
N ALA A 254 3.71 12.42 17.12
CA ALA A 254 3.64 13.33 15.96
C ALA A 254 3.68 12.66 14.57
N ASN A 255 2.65 12.99 13.81
CA ASN A 255 2.43 12.55 12.45
C ASN A 255 3.59 13.14 11.61
N ILE A 256 4.38 12.26 11.07
CA ILE A 256 5.51 12.69 10.23
C ILE A 256 5.32 12.04 8.85
N THR A 257 4.21 11.48 8.49
CA THR A 257 3.98 10.88 7.17
C THR A 257 4.12 11.86 6.01
N ALA A 258 4.66 11.47 4.86
CA ALA A 258 4.79 12.24 3.63
C ALA A 258 5.09 11.23 2.53
N ASP A 259 5.09 11.64 1.25
CA ASP A 259 5.44 10.76 0.13
C ASP A 259 6.97 10.61 0.02
N ASP A 260 7.57 11.74 0.24
CA ASP A 260 9.02 11.90 0.15
C ASP A 260 9.71 11.64 1.47
N PRO A 261 10.58 10.65 1.47
CA PRO A 261 11.37 10.25 2.64
C PRO A 261 12.14 11.38 3.28
N PHE A 262 12.62 12.33 2.52
CA PHE A 262 13.42 13.46 3.02
C PHE A 262 12.45 14.46 3.65
N GLU A 263 11.19 14.36 3.31
CA GLU A 263 10.17 15.21 3.93
C GLU A 263 9.86 14.53 5.28
N ILE A 264 9.75 13.20 5.27
CA ILE A 264 9.52 12.37 6.45
C ILE A 264 10.60 12.74 7.49
N ILE A 265 11.86 12.70 7.12
CA ILE A 265 13.06 13.03 7.85
C ILE A 265 13.07 14.50 8.30
N ALA A 266 12.67 15.42 7.44
CA ALA A 266 12.63 16.83 7.79
C ALA A 266 11.58 17.11 8.85
N ARG A 267 10.56 16.30 8.96
CA ARG A 267 9.48 16.50 9.93
C ARG A 267 9.97 15.98 11.28
N GLY A 268 10.57 14.81 11.20
CA GLY A 268 11.16 14.05 12.30
C GLY A 268 12.17 14.91 13.04
N GLU A 269 13.14 15.39 12.27
CA GLU A 269 14.21 16.22 12.84
C GLU A 269 13.63 17.50 13.41
N TYR A 270 12.62 18.08 12.82
CA TYR A 270 11.99 19.30 13.26
C TYR A 270 11.29 19.09 14.63
N VAL A 271 10.45 18.08 14.74
CA VAL A 271 9.75 17.83 16.02
C VAL A 271 10.72 17.57 17.15
N LEU A 272 11.70 16.74 17.04
CA LEU A 272 12.72 16.36 18.02
C LEU A 272 13.56 17.49 18.59
N GLU A 273 13.93 18.39 17.73
CA GLU A 273 14.71 19.59 17.97
C GLU A 273 13.84 20.61 18.68
N THR A 274 12.58 20.68 18.27
CA THR A 274 11.63 21.62 18.85
C THR A 274 11.31 21.14 20.25
N PHE A 275 11.14 19.83 20.35
CA PHE A 275 10.86 19.14 21.63
C PHE A 275 12.08 19.29 22.51
N GLY A 276 13.24 19.27 21.90
CA GLY A 276 14.54 19.45 22.51
C GLY A 276 14.90 18.59 23.68
N GLU A 277 14.71 19.17 24.88
CA GLU A 277 15.08 18.37 26.07
C GLU A 277 14.10 17.24 26.22
N ASN A 278 12.94 17.39 25.64
CA ASN A 278 11.87 16.39 25.69
C ASN A 278 11.77 15.50 24.46
N ALA A 279 12.79 15.42 23.64
CA ALA A 279 12.77 14.58 22.44
C ALA A 279 12.51 13.14 22.76
N SER A 280 12.90 12.62 23.92
CA SER A 280 12.66 11.23 24.29
C SER A 280 11.21 10.91 24.57
N HIS A 281 10.40 11.93 24.59
CA HIS A 281 8.97 11.83 24.90
C HIS A 281 8.08 11.83 23.67
N VAL A 282 8.77 11.92 22.52
CA VAL A 282 8.06 11.98 21.25
C VAL A 282 8.16 10.66 20.50
N ALA A 283 6.98 10.22 20.09
CA ALA A 283 6.85 9.03 19.26
C ALA A 283 6.62 9.68 17.87
N LEU A 284 7.03 9.01 16.84
CA LEU A 284 6.89 9.40 15.44
C LEU A 284 5.82 8.53 14.79
N LEU A 285 4.76 9.20 14.38
CA LEU A 285 3.61 8.53 13.75
C LEU A 285 3.73 8.42 12.23
N VAL A 286 3.56 7.25 11.69
CA VAL A 286 3.64 7.06 10.23
C VAL A 286 2.33 6.34 9.88
N ASP A 287 1.65 6.90 8.89
CA ASP A 287 0.35 6.37 8.44
C ASP A 287 0.49 5.13 7.57
N GLY A 288 1.55 4.43 7.49
CA GLY A 288 2.07 3.28 6.90
C GLY A 288 1.45 2.37 5.89
N TYR A 289 0.14 2.35 5.88
CA TYR A 289 -0.75 1.63 5.00
C TYR A 289 -0.81 2.49 3.73
N VAL A 290 -1.24 3.71 3.88
CA VAL A 290 -1.32 4.64 2.76
C VAL A 290 0.01 5.19 2.24
N ALA A 291 1.10 5.10 2.94
CA ALA A 291 2.42 5.59 2.53
C ALA A 291 3.34 4.41 2.20
N GLY A 292 3.00 3.23 2.64
CA GLY A 292 3.72 2.00 2.40
C GLY A 292 4.91 1.78 3.30
N ALA A 293 5.65 0.75 2.98
CA ALA A 293 6.83 0.25 3.67
C ALA A 293 8.07 1.09 3.68
N ALA A 294 8.29 1.89 2.65
CA ALA A 294 9.49 2.76 2.61
C ALA A 294 9.37 3.84 3.67
N ALA A 295 8.14 4.31 3.87
CA ALA A 295 7.68 5.31 4.82
C ALA A 295 8.06 4.88 6.22
N ILE A 296 7.69 3.70 6.60
CA ILE A 296 7.92 2.96 7.83
C ILE A 296 9.41 2.65 8.00
N THR A 297 10.03 2.23 6.88
CA THR A 297 11.47 1.93 6.86
C THR A 297 12.32 3.21 6.98
N THR A 298 11.95 4.31 6.36
CA THR A 298 12.71 5.56 6.52
C THR A 298 12.93 5.92 7.98
N ALA A 299 11.82 6.08 8.70
CA ALA A 299 11.63 6.44 10.14
C ALA A 299 12.31 5.38 11.01
N ARG A 300 12.00 4.12 10.82
CA ARG A 300 12.64 3.04 11.58
C ARG A 300 14.16 3.09 11.55
N ARG A 301 14.75 3.35 10.39
CA ARG A 301 16.20 3.41 10.18
C ARG A 301 16.76 4.78 10.50
N ARG A 302 16.01 5.86 10.34
CA ARG A 302 16.52 7.19 10.66
C ARG A 302 16.36 7.55 12.12
N PHE A 303 15.29 7.10 12.76
CA PHE A 303 15.11 7.46 14.18
C PHE A 303 14.94 6.19 14.99
N PRO A 304 15.97 5.42 15.20
CA PRO A 304 15.87 4.15 15.94
C PRO A 304 15.65 4.32 17.43
N ASP A 305 15.87 5.47 17.98
CA ASP A 305 15.71 5.79 19.38
C ASP A 305 14.32 6.30 19.76
N ASN A 306 13.47 6.67 18.83
CA ASN A 306 12.15 7.19 19.08
C ASN A 306 11.17 6.09 18.69
N PHE A 307 10.12 6.09 19.48
CA PHE A 307 9.09 5.05 19.27
C PHE A 307 8.39 5.30 17.93
N LEU A 308 8.47 4.28 17.07
CA LEU A 308 7.77 4.40 15.77
C LEU A 308 6.34 3.86 15.90
N HIS A 309 5.45 4.84 15.93
CA HIS A 309 4.02 4.54 16.05
C HIS A 309 3.42 4.20 14.68
N TYR A 310 3.08 2.96 14.43
CA TYR A 310 2.51 2.54 13.14
C TYR A 310 1.00 2.70 13.08
N HIS A 311 0.52 3.77 12.47
CA HIS A 311 -0.95 3.93 12.37
C HIS A 311 -1.41 3.19 11.12
N ARG A 312 -2.42 2.36 11.27
CA ARG A 312 -3.01 1.51 10.24
C ARG A 312 -3.99 2.09 9.25
N ALA A 313 -4.12 3.39 9.12
CA ALA A 313 -5.03 4.08 8.19
C ALA A 313 -5.46 3.29 6.97
N GLY A 314 -6.74 3.28 6.64
CA GLY A 314 -7.27 2.58 5.49
C GLY A 314 -6.87 1.16 5.20
N HIS A 315 -6.38 0.43 6.20
CA HIS A 315 -5.94 -0.96 6.15
C HIS A 315 -7.15 -1.82 5.76
N GLY A 316 -8.31 -1.31 6.12
CA GLY A 316 -9.68 -1.65 6.03
C GLY A 316 -10.20 -2.17 4.71
N ALA A 317 -9.55 -1.88 3.60
CA ALA A 317 -10.01 -2.39 2.31
C ALA A 317 -9.47 -3.78 2.03
N VAL A 318 -8.43 -4.19 2.75
CA VAL A 318 -7.79 -5.50 2.60
C VAL A 318 -8.08 -6.39 3.80
N THR A 319 -7.67 -5.93 4.96
CA THR A 319 -7.82 -6.59 6.26
C THR A 319 -9.21 -6.45 6.87
N SER A 320 -10.26 -6.59 6.10
CA SER A 320 -11.65 -6.51 6.53
C SER A 320 -12.31 -7.80 6.01
N PRO A 321 -13.00 -8.46 6.91
CA PRO A 321 -13.68 -9.73 6.63
C PRO A 321 -14.69 -9.72 5.51
N GLN A 322 -15.09 -8.54 5.10
CA GLN A 322 -16.03 -8.24 4.00
C GLN A 322 -15.25 -8.49 2.69
N SER A 323 -13.94 -8.42 2.78
CA SER A 323 -13.00 -8.65 1.68
C SER A 323 -12.43 -10.07 1.75
N LYS A 324 -12.36 -10.75 0.61
CA LYS A 324 -11.84 -12.12 0.52
C LYS A 324 -10.50 -12.18 -0.22
N ARG A 325 -9.89 -11.02 -0.35
CA ARG A 325 -8.61 -10.80 -1.03
C ARG A 325 -7.60 -10.14 -0.11
N GLY A 326 -6.33 -10.24 -0.47
CA GLY A 326 -5.23 -9.67 0.32
C GLY A 326 -4.89 -10.49 1.57
N TYR A 327 -4.73 -9.79 2.68
CA TYR A 327 -4.40 -10.40 3.96
C TYR A 327 -5.27 -9.89 5.11
N THR A 328 -5.15 -10.60 6.22
CA THR A 328 -5.88 -10.34 7.47
C THR A 328 -5.06 -9.43 8.38
N ALA A 329 -5.71 -8.93 9.42
CA ALA A 329 -5.08 -8.03 10.42
C ALA A 329 -3.96 -8.74 11.17
N PHE A 330 -4.15 -10.01 11.44
CA PHE A 330 -3.10 -10.79 12.12
C PHE A 330 -1.83 -10.74 11.25
N VAL A 331 -1.92 -11.08 9.99
CA VAL A 331 -0.79 -11.11 9.05
C VAL A 331 -0.28 -9.70 8.95
N HIS A 332 -1.13 -8.72 8.81
CA HIS A 332 -0.71 -7.29 8.73
C HIS A 332 0.19 -6.87 9.88
N CYS A 333 -0.24 -7.13 11.12
CA CYS A 333 0.42 -6.85 12.40
C CYS A 333 1.67 -7.67 12.64
N LYS A 334 1.70 -8.93 12.22
CA LYS A 334 2.87 -9.82 12.36
C LYS A 334 3.98 -9.32 11.45
N MET A 335 3.62 -8.73 10.32
CA MET A 335 4.51 -8.13 9.33
C MET A 335 5.16 -6.86 9.91
N ALA A 336 4.40 -6.16 10.76
CA ALA A 336 4.85 -4.93 11.40
C ALA A 336 6.00 -5.11 12.36
N ARG A 337 6.09 -6.21 13.04
CA ARG A 337 7.14 -6.57 14.01
C ARG A 337 8.46 -6.64 13.23
N LEU A 338 8.50 -7.57 12.31
CA LEU A 338 9.63 -7.82 11.39
C LEU A 338 10.16 -6.50 10.77
N GLN A 339 9.25 -5.65 10.31
CA GLN A 339 9.47 -4.35 9.72
C GLN A 339 10.07 -3.38 10.74
N GLY A 340 9.66 -3.57 12.00
CA GLY A 340 10.19 -2.64 13.00
C GLY A 340 9.28 -1.62 13.64
N ALA A 341 7.97 -1.79 13.53
CA ALA A 341 7.06 -0.86 14.24
C ALA A 341 7.32 -1.07 15.77
N SER A 342 7.31 0.01 16.53
CA SER A 342 7.51 -0.10 18.00
C SER A 342 6.14 -0.45 18.62
N GLY A 343 5.10 0.08 18.05
CA GLY A 343 3.69 -0.02 18.32
C GLY A 343 2.87 0.12 17.02
N ILE A 344 1.73 -0.57 17.03
CA ILE A 344 0.77 -0.62 15.96
C ILE A 344 -0.65 -0.75 16.54
N HIS A 345 -1.53 0.06 15.94
CA HIS A 345 -2.94 0.03 16.32
C HIS A 345 -3.35 -1.40 15.95
N THR A 346 -3.88 -2.08 16.93
CA THR A 346 -4.30 -3.46 16.82
C THR A 346 -5.80 -3.65 16.73
N GLY A 347 -6.62 -2.74 17.19
CA GLY A 347 -8.08 -2.87 17.16
C GLY A 347 -8.58 -2.59 18.58
N THR A 348 -9.26 -3.53 19.35
CA THR A 348 -9.84 -3.43 20.70
C THR A 348 -10.75 -4.60 21.12
N SER A 359 -10.34 -12.87 17.37
CA SER A 359 -9.26 -12.58 18.34
C SER A 359 -8.45 -11.24 18.19
N ASP A 360 -8.42 -10.55 19.24
CA ASP A 360 -7.68 -9.27 19.35
C ASP A 360 -6.38 -9.63 20.07
N ARG A 361 -6.46 -10.73 20.80
CA ARG A 361 -5.44 -11.35 21.62
C ARG A 361 -4.42 -12.23 20.92
N ALA A 362 -4.72 -13.00 19.90
CA ALA A 362 -3.67 -13.83 19.21
C ALA A 362 -2.65 -12.88 18.58
N ILE A 363 -3.15 -11.75 18.11
CA ILE A 363 -2.39 -10.65 17.54
C ILE A 363 -1.47 -10.21 18.67
N ALA A 364 -2.06 -9.82 19.78
CA ALA A 364 -1.32 -9.34 20.95
C ALA A 364 -0.18 -10.22 21.44
N TYR A 365 -0.33 -11.52 21.57
CA TYR A 365 0.74 -12.41 22.02
C TYR A 365 1.83 -12.59 20.99
N MET A 366 1.42 -12.70 19.73
CA MET A 366 2.20 -12.84 18.50
C MET A 366 3.14 -11.62 18.41
N LEU A 367 2.70 -10.42 18.73
CA LEU A 367 3.51 -9.22 18.72
C LEU A 367 4.44 -9.08 19.93
N THR A 368 3.92 -9.52 21.03
CA THR A 368 4.54 -9.47 22.36
C THR A 368 5.54 -10.51 22.76
N GLN A 369 5.16 -11.76 22.59
CA GLN A 369 5.96 -12.93 22.92
C GLN A 369 7.08 -13.38 21.97
N ASP A 370 7.99 -14.13 22.63
CA ASP A 370 9.18 -14.70 22.03
C ASP A 370 8.86 -16.01 21.31
N GLU A 371 7.66 -16.45 21.47
CA GLU A 371 7.03 -17.65 20.95
C GLU A 371 5.53 -17.45 20.98
N ALA A 372 4.80 -17.51 19.92
CA ALA A 372 3.35 -17.34 19.88
C ALA A 372 2.80 -18.36 18.93
N GLN A 373 1.50 -18.57 18.99
CA GLN A 373 0.75 -19.53 18.17
C GLN A 373 -0.23 -18.72 17.32
N GLY A 374 -0.14 -18.78 16.01
CA GLY A 374 -1.10 -18.00 15.17
C GLY A 374 -2.13 -18.99 14.68
N PRO A 375 -2.95 -18.60 13.74
CA PRO A 375 -3.98 -19.50 13.17
C PRO A 375 -3.52 -20.87 12.70
N PHE A 376 -2.33 -21.01 12.12
CA PHE A 376 -1.82 -22.28 11.61
C PHE A 376 -0.37 -22.50 12.00
N TYR A 377 0.38 -21.40 12.05
CA TYR A 377 1.79 -21.45 12.42
C TYR A 377 2.10 -20.79 13.77
N ARG A 378 2.93 -21.56 14.45
CA ARG A 378 3.48 -21.14 15.75
C ARG A 378 4.88 -20.67 15.32
N GLN A 379 5.31 -19.58 15.90
CA GLN A 379 6.58 -18.94 15.59
C GLN A 379 7.42 -18.49 16.75
N SER A 380 8.69 -18.61 16.51
CA SER A 380 9.73 -18.16 17.47
C SER A 380 10.36 -16.90 16.86
N TRP A 381 10.75 -15.96 17.69
CA TRP A 381 11.32 -14.68 17.28
C TRP A 381 12.77 -14.51 17.63
N GLY A 382 13.31 -15.57 18.19
CA GLY A 382 14.72 -15.52 18.58
C GLY A 382 15.19 -14.22 19.18
N GLY A 383 14.50 -13.63 20.15
CA GLY A 383 14.99 -12.39 20.79
C GLY A 383 14.59 -11.10 20.10
N MET A 384 13.87 -11.22 19.00
CA MET A 384 13.47 -9.97 18.31
C MET A 384 12.53 -9.26 19.28
N LYS A 385 12.76 -7.99 19.50
CA LYS A 385 11.93 -7.18 20.35
C LYS A 385 10.46 -7.29 19.94
N ALA A 386 9.71 -6.92 20.95
CA ALA A 386 8.25 -6.86 20.99
C ALA A 386 7.90 -5.56 20.26
N CYS A 387 6.71 -5.51 19.79
CA CYS A 387 6.03 -4.42 19.09
C CYS A 387 4.73 -4.35 19.93
N THR A 388 4.61 -3.26 20.62
CA THR A 388 3.48 -2.96 21.48
C THR A 388 2.10 -2.78 20.91
N PRO A 389 1.17 -3.51 21.47
CA PRO A 389 -0.24 -3.38 21.04
C PRO A 389 -0.70 -1.98 21.50
N ILE A 390 -1.45 -1.33 20.63
CA ILE A 390 -2.08 -0.03 20.76
C ILE A 390 -3.58 -0.25 20.52
N ILE A 391 -4.40 -0.15 21.54
CA ILE A 391 -5.85 -0.37 21.42
C ILE A 391 -6.60 0.94 21.49
N SER A 392 -7.77 0.92 20.86
CA SER A 392 -8.66 2.08 20.74
C SER A 392 -9.99 2.01 21.46
N GLY A 393 -10.73 3.07 21.27
CA GLY A 393 -12.08 3.24 21.83
C GLY A 393 -11.88 3.42 23.33
N GLY A 394 -12.19 2.33 24.02
CA GLY A 394 -12.02 2.35 25.48
C GLY A 394 -13.36 2.17 26.18
N MET A 395 -13.19 1.70 27.38
CA MET A 395 -14.24 1.42 28.37
C MET A 395 -13.96 2.44 29.47
N ASN A 396 -14.76 2.40 30.51
CA ASN A 396 -14.58 3.28 31.69
C ASN A 396 -13.64 2.50 32.62
N ALA A 397 -13.33 3.16 33.72
CA ALA A 397 -12.43 2.59 34.73
C ALA A 397 -12.96 1.29 35.32
N LEU A 398 -14.27 1.13 35.36
CA LEU A 398 -14.95 -0.05 35.91
C LEU A 398 -14.72 -1.27 35.04
N ARG A 399 -14.85 -1.05 33.75
CA ARG A 399 -14.68 -2.07 32.72
C ARG A 399 -13.22 -2.45 32.56
N MET A 400 -12.35 -1.48 32.59
CA MET A 400 -10.89 -1.66 32.45
C MET A 400 -10.33 -3.00 32.87
N PRO A 401 -10.38 -3.34 34.14
CA PRO A 401 -9.86 -4.59 34.68
C PRO A 401 -10.37 -5.84 33.98
N GLY A 402 -11.57 -5.84 33.45
CA GLY A 402 -12.05 -7.02 32.73
C GLY A 402 -11.01 -7.30 31.62
N PHE A 403 -10.69 -6.30 30.83
CA PHE A 403 -9.75 -6.33 29.72
C PHE A 403 -8.39 -6.80 30.20
N PHE A 404 -7.90 -6.17 31.27
CA PHE A 404 -6.58 -6.53 31.83
C PHE A 404 -6.56 -8.02 32.12
N GLU A 405 -7.49 -8.52 32.89
CA GLU A 405 -7.53 -9.95 33.23
C GLU A 405 -7.51 -10.89 32.03
N ASN A 406 -8.31 -10.59 31.05
CA ASN A 406 -8.47 -11.34 29.80
C ASN A 406 -7.17 -11.47 29.00
N LEU A 407 -6.48 -10.36 28.85
CA LEU A 407 -5.21 -10.26 28.16
C LEU A 407 -4.08 -10.82 29.04
N GLY A 408 -4.16 -10.64 30.36
CA GLY A 408 -3.12 -11.14 31.22
C GLY A 408 -1.99 -10.18 31.52
N ASN A 409 -2.13 -8.97 30.98
CA ASN A 409 -1.16 -7.89 31.26
C ASN A 409 -1.89 -6.60 30.88
N ALA A 410 -1.24 -5.51 31.21
CA ALA A 410 -1.78 -4.16 30.92
C ALA A 410 -0.74 -3.31 30.23
N ASN A 411 0.20 -3.89 29.54
CA ASN A 411 1.33 -3.46 28.73
C ASN A 411 0.91 -3.01 27.32
N VAL A 412 0.00 -2.08 27.23
CA VAL A 412 -0.59 -1.50 26.05
C VAL A 412 -0.69 0.01 26.18
N ILE A 413 -0.89 0.66 25.05
CA ILE A 413 -1.08 2.11 24.95
C ILE A 413 -2.56 2.26 24.63
N LEU A 414 -3.30 3.02 25.40
CA LEU A 414 -4.75 3.21 25.13
C LEU A 414 -4.89 4.54 24.39
N THR A 415 -5.57 4.51 23.29
CA THR A 415 -5.82 5.69 22.40
C THR A 415 -7.32 5.74 22.52
N ALA A 416 -7.75 6.41 23.56
CA ALA A 416 -9.19 6.45 23.81
C ALA A 416 -9.94 7.67 23.31
N GLY A 417 -11.15 7.28 22.92
CA GLY A 417 -12.16 8.25 22.41
C GLY A 417 -12.58 8.95 23.72
N GLY A 418 -13.11 10.14 23.59
CA GLY A 418 -13.56 11.02 24.66
C GLY A 418 -14.69 10.49 25.51
N GLY A 419 -15.23 9.37 25.11
CA GLY A 419 -16.32 8.62 25.74
C GLY A 419 -15.77 7.85 26.95
N ALA A 420 -14.52 7.42 26.76
CA ALA A 420 -13.78 6.68 27.79
C ALA A 420 -13.38 7.66 28.88
N PHE A 421 -13.45 8.93 28.55
CA PHE A 421 -13.15 10.06 29.43
C PHE A 421 -14.41 10.81 29.84
N GLY A 422 -15.56 10.27 29.48
CA GLY A 422 -16.87 10.88 29.82
C GLY A 422 -17.02 10.65 31.33
N HIS A 423 -16.79 11.68 32.14
CA HIS A 423 -16.84 11.51 33.61
C HIS A 423 -17.39 12.75 34.27
N ILE A 424 -18.21 12.57 35.30
CA ILE A 424 -18.85 13.68 36.02
C ILE A 424 -18.00 14.82 36.58
N ASP A 425 -16.71 14.68 36.80
CA ASP A 425 -15.91 15.82 37.30
C ASP A 425 -15.17 16.40 36.08
N GLY A 426 -15.29 15.71 34.97
CA GLY A 426 -14.69 16.04 33.70
C GLY A 426 -13.84 14.90 33.15
N PRO A 427 -13.08 15.21 32.10
CA PRO A 427 -12.22 14.25 31.42
C PRO A 427 -10.81 14.11 31.97
N VAL A 428 -10.47 15.02 32.87
CA VAL A 428 -9.16 15.06 33.54
C VAL A 428 -9.28 13.95 34.60
N ALA A 429 -10.40 14.05 35.29
CA ALA A 429 -10.83 13.15 36.36
C ALA A 429 -11.01 11.79 35.70
N GLY A 430 -11.64 11.86 34.51
CA GLY A 430 -11.91 10.72 33.69
C GLY A 430 -10.66 9.92 33.35
N ALA A 431 -9.58 10.57 32.98
CA ALA A 431 -8.33 9.90 32.62
C ALA A 431 -7.57 9.38 33.84
N ARG A 432 -7.77 10.06 34.97
CA ARG A 432 -7.12 9.71 36.24
C ARG A 432 -7.69 8.39 36.73
N SER A 433 -8.99 8.27 36.57
CA SER A 433 -9.84 7.15 36.95
C SER A 433 -9.39 5.88 36.26
N LEU A 434 -9.02 5.92 34.99
CA LEU A 434 -8.51 4.83 34.16
C LEU A 434 -7.17 4.42 34.77
N ARG A 435 -6.31 5.35 35.09
CA ARG A 435 -5.01 5.15 35.70
C ARG A 435 -5.12 4.44 37.05
N GLN A 436 -6.01 4.99 37.86
CA GLN A 436 -6.35 4.46 39.20
C GLN A 436 -6.89 3.04 39.07
N ALA A 437 -7.67 2.75 38.06
CA ALA A 437 -8.19 1.41 37.78
C ALA A 437 -7.09 0.40 37.41
N TRP A 438 -6.08 0.81 36.68
CA TRP A 438 -4.93 0.01 36.24
C TRP A 438 -4.14 -0.27 37.53
N GLN A 439 -3.86 0.80 38.27
CA GLN A 439 -3.08 0.66 39.50
C GLN A 439 -3.68 -0.34 40.48
N ALA A 440 -4.96 -0.24 40.75
CA ALA A 440 -5.64 -1.18 41.65
C ALA A 440 -5.51 -2.57 41.00
N TRP A 441 -5.68 -2.69 39.70
CA TRP A 441 -5.53 -4.01 39.06
C TRP A 441 -4.15 -4.62 39.29
N ARG A 442 -3.09 -3.82 39.13
CA ARG A 442 -1.73 -4.33 39.32
C ARG A 442 -1.35 -4.61 40.76
N ASP A 443 -1.88 -3.88 41.71
CA ASP A 443 -1.57 -4.11 43.13
C ASP A 443 -2.40 -5.35 43.56
N GLY A 444 -3.44 -5.66 42.85
CA GLY A 444 -4.27 -6.82 43.19
C GLY A 444 -5.13 -6.45 44.40
N VAL A 445 -5.51 -5.20 44.44
CA VAL A 445 -6.34 -4.52 45.44
C VAL A 445 -7.66 -4.45 44.65
N PRO A 446 -8.71 -4.57 45.41
CA PRO A 446 -10.08 -4.54 44.85
C PRO A 446 -10.44 -3.10 44.52
N VAL A 447 -11.03 -2.85 43.38
CA VAL A 447 -11.42 -1.51 42.92
C VAL A 447 -12.16 -0.79 44.04
N LEU A 448 -13.20 -1.39 44.58
CA LEU A 448 -14.01 -0.81 45.66
C LEU A 448 -13.16 -0.25 46.79
N ASP A 449 -12.06 -0.86 47.18
CA ASP A 449 -11.18 -0.42 48.26
C ASP A 449 -10.20 0.68 47.89
N TYR A 450 -9.84 0.61 46.61
CA TYR A 450 -8.91 1.59 46.00
C TYR A 450 -9.74 2.85 45.77
N ALA A 451 -10.98 2.63 45.39
CA ALA A 451 -11.97 3.67 45.12
C ALA A 451 -12.25 4.54 46.33
N ARG A 452 -12.38 3.99 47.53
CA ARG A 452 -12.64 4.84 48.72
C ARG A 452 -11.50 5.84 48.92
N GLU A 453 -10.26 5.45 48.66
CA GLU A 453 -9.11 6.36 48.79
C GLU A 453 -8.66 7.14 47.55
N HIS A 454 -9.39 7.01 46.46
CA HIS A 454 -9.17 7.64 45.14
C HIS A 454 -10.46 8.21 44.55
N LYS A 455 -10.67 9.47 44.81
CA LYS A 455 -11.84 10.25 44.44
C LYS A 455 -12.34 10.08 43.04
N GLU A 456 -11.47 10.20 42.03
CA GLU A 456 -11.84 10.10 40.61
C GLU A 456 -12.34 8.72 40.27
N LEU A 457 -11.77 7.70 40.90
CA LEU A 457 -12.18 6.32 40.68
C LEU A 457 -13.58 6.15 41.26
N ALA A 458 -13.83 6.64 42.46
CA ALA A 458 -15.14 6.54 43.13
C ALA A 458 -16.25 7.28 42.40
N ARG A 459 -15.86 8.39 41.80
CA ARG A 459 -16.73 9.29 41.01
C ARG A 459 -17.09 8.73 39.66
N ALA A 460 -16.35 7.75 39.17
CA ALA A 460 -16.58 7.04 37.91
C ALA A 460 -17.70 6.04 38.20
N PHE A 461 -17.76 5.62 39.45
CA PHE A 461 -18.76 4.68 40.00
C PHE A 461 -20.14 5.33 39.87
N GLU A 462 -20.22 6.57 40.37
CA GLU A 462 -21.44 7.38 40.31
C GLU A 462 -21.67 7.90 38.90
N SER A 463 -20.64 7.90 38.08
CA SER A 463 -20.67 8.40 36.70
C SER A 463 -21.36 7.42 35.75
N PHE A 464 -21.27 6.16 36.08
CA PHE A 464 -21.87 5.04 35.33
C PHE A 464 -22.43 4.15 36.45
N PRO A 465 -23.60 4.57 36.94
CA PRO A 465 -24.32 3.92 38.04
C PRO A 465 -24.77 2.50 37.76
N GLY A 466 -25.17 2.34 36.53
CA GLY A 466 -25.64 1.06 35.95
C GLY A 466 -24.40 0.65 35.11
N ASP A 467 -23.61 -0.12 35.80
CA ASP A 467 -22.32 -0.69 35.35
C ASP A 467 -21.68 -1.03 36.70
N ALA A 468 -21.76 -0.02 37.54
CA ALA A 468 -21.27 -0.08 38.92
C ALA A 468 -22.03 -1.15 39.71
N ASP A 469 -23.34 -0.93 39.81
CA ASP A 469 -24.28 -1.80 40.55
C ASP A 469 -24.52 -3.17 39.89
N GLN A 470 -23.92 -3.39 38.76
CA GLN A 470 -23.94 -4.58 37.93
C GLN A 470 -22.66 -5.38 38.15
N ILE A 471 -21.54 -4.66 38.02
CA ILE A 471 -20.19 -5.25 38.18
C ILE A 471 -19.80 -5.34 39.64
N TYR A 472 -20.09 -4.34 40.43
CA TYR A 472 -19.76 -4.40 41.88
C TYR A 472 -21.02 -4.00 42.66
N PRO A 473 -22.02 -4.85 42.66
CA PRO A 473 -23.32 -4.59 43.32
C PRO A 473 -23.23 -3.63 44.50
N GLY A 474 -22.68 -4.07 45.61
CA GLY A 474 -22.52 -3.26 46.80
C GLY A 474 -22.33 -1.78 46.60
N TRP A 475 -21.25 -1.35 46.00
CA TRP A 475 -20.85 0.02 45.69
C TRP A 475 -21.56 1.15 46.44
N ARG A 476 -22.83 1.38 46.25
CA ARG A 476 -23.62 2.43 46.91
C ARG A 476 -23.31 2.45 48.40
N LYS A 477 -23.84 1.40 49.03
CA LYS A 477 -23.67 1.17 50.47
C LYS A 477 -22.17 1.25 50.73
N ALA A 478 -21.49 0.32 50.11
CA ALA A 478 -20.06 0.04 50.08
C ALA A 478 -19.10 1.21 49.99
N LEU A 479 -19.51 2.23 49.25
CA LEU A 479 -18.73 3.44 49.05
C LEU A 479 -19.31 4.59 49.85
N GLY A 480 -20.52 4.38 50.36
CA GLY A 480 -21.20 5.39 51.17
C GLY A 480 -21.47 6.63 50.41
N VAL A 481 -20.96 6.59 49.26
CA VAL A 481 -21.14 7.63 48.32
C VAL A 481 -22.62 7.67 48.02
N GLN B 27 -24.87 16.73 14.35
CA GLN B 27 -24.06 17.82 13.65
C GLN B 27 -23.94 17.51 12.16
N SER B 28 -24.69 16.63 11.70
CA SER B 28 -24.77 15.85 10.43
C SER B 28 -25.01 16.86 9.34
N SER B 29 -26.22 17.37 9.23
CA SER B 29 -26.67 18.37 8.26
C SER B 29 -25.94 19.70 8.13
N ARG B 30 -24.73 19.78 8.58
CA ARG B 30 -23.68 20.73 8.64
C ARG B 30 -22.72 20.28 7.49
N TYR B 31 -22.70 18.99 7.26
CA TYR B 31 -21.90 18.33 6.26
C TYR B 31 -22.64 17.98 4.97
N VAL B 32 -23.78 18.56 4.72
CA VAL B 32 -24.59 18.28 3.53
C VAL B 32 -24.98 19.62 2.92
N ASN B 33 -24.93 19.68 1.61
CA ASN B 33 -25.34 20.92 0.96
C ASN B 33 -25.57 20.68 -0.54
N LEU B 34 -26.71 20.07 -0.78
CA LEU B 34 -27.26 19.68 -2.05
C LEU B 34 -27.74 20.84 -2.91
N ALA B 35 -27.54 22.06 -2.52
CA ALA B 35 -27.93 23.25 -3.28
C ALA B 35 -26.66 23.68 -4.01
N LEU B 36 -25.50 23.14 -3.60
CA LEU B 36 -24.22 23.45 -4.26
C LEU B 36 -24.31 22.87 -5.69
N LYS B 37 -23.87 23.64 -6.65
CA LYS B 37 -23.91 23.22 -8.06
C LYS B 37 -22.50 22.76 -8.40
N GLU B 38 -22.42 21.57 -9.02
CA GLU B 38 -21.11 21.02 -9.41
C GLU B 38 -20.27 21.93 -10.30
N GLU B 39 -20.89 22.69 -11.18
CA GLU B 39 -20.26 23.63 -12.10
C GLU B 39 -19.72 24.80 -11.27
N ASP B 40 -20.37 25.13 -10.16
CA ASP B 40 -19.83 26.25 -9.37
C ASP B 40 -18.63 25.78 -8.54
N LEU B 41 -18.65 24.53 -8.12
CA LEU B 41 -17.56 23.94 -7.32
C LEU B 41 -16.27 23.88 -8.16
N ILE B 42 -16.38 23.31 -9.34
CA ILE B 42 -15.30 23.17 -10.30
C ILE B 42 -14.70 24.54 -10.58
N ALA B 43 -15.56 25.41 -11.12
CA ALA B 43 -15.22 26.79 -11.46
C ALA B 43 -14.63 27.61 -10.32
N GLY B 44 -15.02 27.43 -9.06
CA GLY B 44 -14.50 28.09 -7.87
C GLY B 44 -13.06 27.65 -7.64
N GLY B 45 -12.79 26.43 -8.08
CA GLY B 45 -11.49 25.79 -8.02
C GLY B 45 -10.77 25.84 -6.68
N GLU B 46 -11.55 25.57 -5.65
CA GLU B 46 -11.18 25.52 -4.27
C GLU B 46 -11.52 24.20 -3.61
N HIS B 47 -12.04 23.23 -4.31
CA HIS B 47 -12.42 21.97 -3.72
C HIS B 47 -12.00 20.74 -4.50
N VAL B 48 -11.71 19.66 -3.83
CA VAL B 48 -11.37 18.37 -4.40
C VAL B 48 -12.71 17.60 -4.36
N LEU B 49 -13.23 17.20 -5.48
CA LEU B 49 -14.51 16.48 -5.58
C LEU B 49 -14.21 15.01 -5.70
N CYS B 50 -14.96 14.17 -4.99
CA CYS B 50 -14.77 12.70 -5.03
C CYS B 50 -16.13 12.12 -5.32
N ALA B 51 -16.20 11.04 -6.03
CA ALA B 51 -17.44 10.35 -6.41
C ALA B 51 -17.32 8.91 -5.92
N TYR B 52 -18.21 8.47 -5.05
CA TYR B 52 -18.14 7.12 -4.52
C TYR B 52 -19.40 6.33 -4.80
N ILE B 53 -19.28 5.06 -4.67
CA ILE B 53 -20.41 4.14 -4.72
C ILE B 53 -20.47 3.80 -3.22
N MET B 54 -21.43 4.42 -2.57
CA MET B 54 -21.60 4.26 -1.10
C MET B 54 -22.98 3.70 -0.79
N LYS B 55 -22.98 2.72 0.06
CA LYS B 55 -24.26 2.09 0.49
C LYS B 55 -24.18 2.04 2.02
N PRO B 56 -25.16 2.61 2.70
CA PRO B 56 -25.19 2.62 4.17
C PRO B 56 -25.48 1.22 4.70
N LYS B 57 -25.26 1.03 6.00
CA LYS B 57 -25.56 -0.33 6.54
C LYS B 57 -27.07 -0.36 6.73
N ALA B 58 -27.68 -1.53 6.73
CA ALA B 58 -29.15 -1.60 6.89
C ALA B 58 -29.66 -0.73 8.05
N GLY B 59 -30.74 -0.06 7.71
CA GLY B 59 -31.50 0.85 8.55
C GLY B 59 -31.14 2.30 8.61
N TYR B 60 -30.03 2.69 8.00
CA TYR B 60 -29.61 4.11 8.06
C TYR B 60 -29.81 4.93 6.81
N GLY B 61 -30.41 6.09 7.02
CA GLY B 61 -30.73 7.10 6.01
C GLY B 61 -29.48 7.38 5.18
N TYR B 62 -29.72 7.49 3.86
CA TYR B 62 -28.68 7.76 2.87
C TYR B 62 -27.96 9.07 3.17
N VAL B 63 -28.68 10.19 3.13
CA VAL B 63 -28.07 11.51 3.39
C VAL B 63 -27.38 11.57 4.73
N ALA B 64 -27.93 10.99 5.78
CA ALA B 64 -27.34 10.94 7.12
C ALA B 64 -26.01 10.20 7.16
N THR B 65 -26.00 9.04 6.54
CA THR B 65 -24.84 8.14 6.40
C THR B 65 -23.67 8.77 5.63
N ALA B 66 -24.02 9.51 4.60
CA ALA B 66 -23.17 10.26 3.68
C ALA B 66 -22.53 11.41 4.45
N ALA B 67 -23.34 12.13 5.23
CA ALA B 67 -22.94 13.25 6.08
C ALA B 67 -21.98 12.72 7.14
N HIS B 68 -22.23 11.50 7.62
CA HIS B 68 -21.34 10.85 8.61
C HIS B 68 -19.93 10.75 8.02
N PHE B 69 -19.86 10.09 6.89
CA PHE B 69 -18.69 9.80 6.06
C PHE B 69 -17.95 11.11 5.76
N ALA B 70 -18.64 12.17 5.41
CA ALA B 70 -18.00 13.48 5.15
C ALA B 70 -17.39 14.04 6.43
N ALA B 71 -18.07 13.92 7.56
CA ALA B 71 -17.68 14.36 8.89
C ALA B 71 -16.36 13.69 9.21
N GLU B 72 -16.40 12.39 9.20
CA GLU B 72 -15.26 11.53 9.52
C GLU B 72 -14.14 11.41 8.52
N SER B 73 -14.18 12.14 7.43
CA SER B 73 -13.22 12.21 6.34
C SER B 73 -12.57 13.60 6.33
N SER B 74 -13.05 14.49 7.16
CA SER B 74 -12.56 15.87 7.24
C SER B 74 -12.42 16.29 8.69
N THR B 75 -13.26 17.13 9.22
CA THR B 75 -13.27 17.69 10.57
C THR B 75 -13.61 16.73 11.69
N GLY B 76 -14.73 16.05 11.64
CA GLY B 76 -15.20 15.08 12.61
C GLY B 76 -16.07 15.52 13.77
N THR B 77 -15.36 15.90 14.85
CA THR B 77 -15.94 16.37 16.11
C THR B 77 -16.30 15.21 17.05
N ASN B 78 -17.26 14.48 16.52
CA ASN B 78 -17.97 13.32 17.14
C ASN B 78 -18.55 13.67 18.51
N THR B 88 -13.64 26.02 12.85
CA THR B 88 -13.36 24.59 12.56
C THR B 88 -14.55 23.99 11.76
N ARG B 89 -15.15 24.90 11.03
CA ARG B 89 -16.39 24.69 10.24
C ARG B 89 -16.21 25.12 8.76
N GLY B 90 -15.31 26.01 8.43
CA GLY B 90 -15.02 26.44 7.05
C GLY B 90 -14.12 25.45 6.29
N VAL B 91 -13.77 24.36 6.94
CA VAL B 91 -12.89 23.32 6.37
C VAL B 91 -13.57 22.00 6.31
N ASP B 92 -14.89 22.02 6.44
CA ASP B 92 -15.75 20.86 6.41
C ASP B 92 -15.95 20.32 4.98
N ALA B 93 -15.95 19.03 4.95
CA ALA B 93 -16.18 18.38 3.64
C ALA B 93 -17.70 18.46 3.50
N LEU B 94 -18.26 18.73 2.35
CA LEU B 94 -19.66 18.84 2.02
C LEU B 94 -20.15 17.82 1.00
N VAL B 95 -21.26 17.19 1.35
CA VAL B 95 -21.91 16.21 0.42
C VAL B 95 -22.69 17.16 -0.50
N TYR B 96 -22.36 17.26 -1.77
CA TYR B 96 -23.08 18.22 -2.65
C TYR B 96 -24.14 17.56 -3.50
N GLU B 97 -24.03 16.27 -3.69
CA GLU B 97 -24.98 15.53 -4.53
C GLU B 97 -25.00 14.09 -4.07
N VAL B 98 -26.16 13.49 -4.08
CA VAL B 98 -26.33 12.10 -3.59
C VAL B 98 -27.45 11.50 -4.42
N ASP B 99 -27.37 10.21 -4.60
CA ASP B 99 -28.34 9.44 -5.39
C ASP B 99 -28.30 7.99 -4.91
N GLU B 100 -29.21 7.82 -3.97
CA GLU B 100 -29.59 6.66 -3.19
C GLU B 100 -29.74 5.41 -4.00
N ALA B 101 -30.45 5.57 -5.11
CA ALA B 101 -30.77 4.53 -6.08
C ALA B 101 -29.59 3.96 -6.86
N ARG B 102 -28.56 4.77 -7.02
CA ARG B 102 -27.36 4.38 -7.78
C ARG B 102 -26.18 4.26 -6.82
N GLU B 103 -26.50 4.52 -5.58
CA GLU B 103 -25.53 4.45 -4.48
C GLU B 103 -24.38 5.38 -4.78
N LEU B 104 -24.78 6.58 -5.15
CA LEU B 104 -23.85 7.65 -5.49
C LEU B 104 -23.86 8.77 -4.47
N THR B 105 -22.70 9.01 -3.92
CA THR B 105 -22.26 9.99 -2.94
C THR B 105 -21.09 10.77 -3.58
N LYS B 106 -21.20 12.06 -3.63
CA LYS B 106 -20.23 13.00 -4.17
C LYS B 106 -19.93 14.02 -3.09
N ILE B 107 -18.69 14.04 -2.65
CA ILE B 107 -18.27 14.99 -1.61
C ILE B 107 -17.26 16.01 -2.11
N ALA B 108 -17.27 17.22 -1.64
CA ALA B 108 -16.47 18.36 -1.91
C ALA B 108 -15.53 18.72 -0.77
N TYR B 109 -14.29 18.38 -0.93
CA TYR B 109 -13.29 18.63 0.06
C TYR B 109 -12.48 19.87 -0.24
N PRO B 110 -12.58 20.82 0.68
CA PRO B 110 -11.78 22.04 0.52
C PRO B 110 -10.32 21.66 0.47
N VAL B 111 -9.61 22.36 -0.39
CA VAL B 111 -8.17 22.27 -0.65
C VAL B 111 -7.32 22.55 0.58
N ALA B 112 -7.79 23.31 1.54
CA ALA B 112 -7.05 23.65 2.75
C ALA B 112 -6.78 22.44 3.64
N LEU B 113 -7.65 21.45 3.58
CA LEU B 113 -7.50 20.21 4.33
C LEU B 113 -6.25 19.42 4.03
N PHE B 114 -5.84 19.38 2.78
CA PHE B 114 -4.72 18.58 2.28
C PHE B 114 -3.35 18.99 2.80
N ASP B 115 -2.58 18.02 3.22
CA ASP B 115 -1.22 18.28 3.75
C ASP B 115 -0.25 18.61 2.62
N ARG B 116 0.72 19.42 2.93
CA ARG B 116 1.79 19.88 2.07
C ARG B 116 3.16 19.76 2.75
N ASN B 117 4.19 19.53 1.95
CA ASN B 117 5.57 19.42 2.39
C ASN B 117 6.02 20.72 3.07
N ILE B 118 6.70 20.61 4.20
CA ILE B 118 7.27 21.76 4.90
C ILE B 118 8.58 22.09 4.17
N THR B 119 9.22 21.11 3.55
CA THR B 119 10.46 21.33 2.82
C THR B 119 10.25 22.14 1.52
N ASP B 120 9.26 21.78 0.70
CA ASP B 120 9.07 22.47 -0.59
C ASP B 120 7.69 22.99 -0.96
N GLY B 121 6.74 22.77 -0.11
CA GLY B 121 5.35 23.14 -0.14
C GLY B 121 4.48 22.36 -1.08
N LYS B 122 4.97 21.28 -1.63
CA LYS B 122 4.22 20.49 -2.61
C LYS B 122 3.27 19.49 -2.01
N ALA B 123 2.29 19.09 -2.79
CA ALA B 123 1.29 18.12 -2.37
C ALA B 123 1.90 16.73 -2.17
N MET B 124 1.11 15.90 -1.56
CA MET B 124 1.44 14.49 -1.24
C MET B 124 0.22 13.59 -1.44
N ILE B 125 0.38 12.47 -2.11
CA ILE B 125 -0.68 11.48 -2.37
C ILE B 125 -1.10 10.91 -1.00
N ALA B 126 -0.14 10.59 -0.14
CA ALA B 126 -0.40 10.08 1.18
C ALA B 126 -1.54 10.91 1.79
N SER B 127 -1.56 12.22 1.77
CA SER B 127 -2.67 12.98 2.38
C SER B 127 -3.99 12.80 1.65
N PHE B 128 -3.92 12.71 0.34
CA PHE B 128 -5.06 12.56 -0.55
C PHE B 128 -5.71 11.23 -0.19
N LEU B 129 -4.87 10.24 0.04
CA LEU B 129 -5.38 8.88 0.35
C LEU B 129 -5.95 8.85 1.76
N THR B 130 -5.24 9.38 2.74
CA THR B 130 -5.68 9.37 4.13
C THR B 130 -7.05 10.00 4.33
N LEU B 131 -7.26 11.15 3.75
CA LEU B 131 -8.48 11.92 3.82
C LEU B 131 -9.61 11.30 2.99
N THR B 132 -9.47 11.30 1.67
CA THR B 132 -10.56 10.83 0.84
C THR B 132 -10.94 9.37 0.82
N MET B 133 -10.12 8.49 1.29
CA MET B 133 -10.27 7.03 1.26
C MET B 133 -10.06 6.26 2.56
N GLY B 134 -8.88 6.47 3.11
CA GLY B 134 -8.28 5.93 4.28
C GLY B 134 -9.19 5.49 5.39
N ASN B 135 -9.39 6.43 6.29
CA ASN B 135 -10.20 6.39 7.50
C ASN B 135 -11.62 5.86 7.28
N ASN B 136 -12.19 6.13 6.13
CA ASN B 136 -13.53 5.75 5.72
C ASN B 136 -13.65 4.32 5.23
N GLN B 137 -12.60 3.53 5.30
CA GLN B 137 -12.61 2.12 4.85
C GLN B 137 -13.06 1.09 5.88
N GLY B 138 -13.99 1.50 6.74
CA GLY B 138 -14.64 0.73 7.82
C GLY B 138 -15.28 1.80 8.73
N MET B 139 -16.39 2.29 8.27
CA MET B 139 -17.15 3.37 8.89
C MET B 139 -18.46 3.19 9.62
N GLY B 140 -18.53 2.28 10.57
CA GLY B 140 -19.72 2.01 11.38
C GLY B 140 -21.01 1.73 10.64
N ASP B 141 -21.70 2.77 10.22
CA ASP B 141 -22.97 2.68 9.50
C ASP B 141 -22.82 2.57 7.99
N VAL B 142 -21.68 2.17 7.49
CA VAL B 142 -21.40 2.04 6.07
C VAL B 142 -20.75 0.71 5.73
N GLU B 143 -21.46 -0.05 4.94
CA GLU B 143 -21.03 -1.35 4.42
C GLU B 143 -20.53 -1.06 3.00
N TYR B 144 -19.28 -0.90 2.74
CA TYR B 144 -18.58 -0.60 1.50
C TYR B 144 -18.82 0.79 0.93
N ALA B 145 -17.73 1.32 0.43
CA ALA B 145 -17.58 2.64 -0.21
C ALA B 145 -16.38 2.49 -1.15
N LYS B 146 -16.61 2.90 -2.38
CA LYS B 146 -15.55 2.77 -3.42
C LYS B 146 -15.49 4.07 -4.19
N MET B 147 -14.29 4.62 -4.28
CA MET B 147 -14.12 5.88 -5.05
C MET B 147 -13.98 5.42 -6.52
N HIS B 148 -14.75 6.09 -7.34
CA HIS B 148 -14.83 5.91 -8.78
C HIS B 148 -14.26 7.07 -9.58
N ASP B 149 -13.95 8.19 -8.96
CA ASP B 149 -13.39 9.30 -9.77
C ASP B 149 -13.06 10.45 -8.83
N PHE B 150 -12.18 11.34 -9.24
CA PHE B 150 -11.84 12.51 -8.43
C PHE B 150 -11.52 13.69 -9.38
N TYR B 151 -11.64 14.86 -8.83
CA TYR B 151 -11.36 16.08 -9.53
C TYR B 151 -10.43 16.94 -8.69
N VAL B 152 -9.26 17.30 -9.11
CA VAL B 152 -8.31 18.19 -8.40
C VAL B 152 -8.30 19.54 -9.15
N PRO B 153 -8.66 20.59 -8.43
CA PRO B 153 -8.66 21.94 -9.02
C PRO B 153 -7.22 22.29 -9.41
N GLU B 154 -7.11 23.31 -10.26
CA GLU B 154 -5.83 23.81 -10.77
C GLU B 154 -4.80 24.07 -9.68
N ALA B 155 -5.17 24.81 -8.67
CA ALA B 155 -4.37 25.19 -7.53
C ALA B 155 -3.66 24.01 -6.86
N TYR B 156 -4.44 22.96 -6.70
CA TYR B 156 -3.91 21.74 -6.03
C TYR B 156 -3.12 20.85 -6.99
N ARG B 157 -3.68 20.61 -8.17
CA ARG B 157 -3.06 19.77 -9.21
C ARG B 157 -1.63 20.29 -9.45
N ALA B 158 -1.42 21.59 -9.46
CA ALA B 158 -0.11 22.19 -9.63
C ALA B 158 0.82 21.96 -8.46
N LEU B 159 0.49 21.25 -7.42
CA LEU B 159 1.38 21.01 -6.27
C LEU B 159 1.99 19.62 -6.40
N PHE B 160 1.45 18.87 -7.32
CA PHE B 160 1.94 17.52 -7.60
C PHE B 160 3.16 17.59 -8.54
N ASP B 161 3.99 16.61 -8.31
CA ASP B 161 5.23 16.35 -9.02
C ASP B 161 4.92 16.23 -10.53
N GLY B 162 4.05 15.35 -10.93
CA GLY B 162 3.66 15.06 -12.32
C GLY B 162 4.85 14.29 -12.94
N PRO B 163 4.63 13.62 -14.03
CA PRO B 163 5.73 12.82 -14.64
C PRO B 163 6.84 13.77 -15.05
N SER B 164 8.01 13.15 -15.01
CA SER B 164 9.22 13.94 -15.37
C SER B 164 9.62 13.68 -16.83
N VAL B 165 9.39 12.46 -17.25
CA VAL B 165 9.57 11.85 -18.53
C VAL B 165 8.44 10.80 -18.69
N ASN B 166 8.32 10.42 -19.94
CA ASN B 166 7.35 9.43 -20.41
C ASN B 166 8.03 8.69 -21.61
N ILE B 167 7.19 8.13 -22.47
CA ILE B 167 7.64 7.38 -23.65
C ILE B 167 8.55 8.16 -24.59
N SER B 168 8.47 9.46 -24.67
CA SER B 168 9.26 10.39 -25.43
C SER B 168 10.75 10.23 -25.13
N ALA B 169 11.14 9.87 -23.91
CA ALA B 169 12.56 9.67 -23.63
C ALA B 169 12.98 8.33 -24.26
N LEU B 170 12.11 7.39 -24.45
CA LEU B 170 12.38 6.09 -25.02
C LEU B 170 12.61 6.32 -26.52
N TRP B 171 11.65 6.99 -27.12
CA TRP B 171 11.64 7.35 -28.52
C TRP B 171 12.96 8.02 -28.91
N LYS B 172 13.26 9.06 -28.16
CA LYS B 172 14.53 9.78 -28.35
C LYS B 172 15.62 8.71 -28.42
N VAL B 173 15.88 7.92 -27.40
CA VAL B 173 16.87 6.85 -27.37
C VAL B 173 16.76 5.92 -28.58
N LEU B 174 15.62 5.43 -28.98
CA LEU B 174 15.40 4.50 -30.07
C LEU B 174 15.59 5.08 -31.47
N GLY B 175 15.56 6.37 -31.54
CA GLY B 175 15.71 7.16 -32.71
C GLY B 175 14.41 7.63 -33.29
N ARG B 176 13.24 7.41 -32.71
CA ARG B 176 12.01 7.90 -33.33
C ARG B 176 11.66 9.33 -33.03
N PRO B 177 10.62 9.79 -33.69
CA PRO B 177 10.16 11.17 -33.44
C PRO B 177 9.58 11.17 -32.01
N GLU B 178 9.87 12.27 -31.34
CA GLU B 178 9.44 12.55 -29.97
C GLU B 178 7.92 12.74 -29.86
N VAL B 179 7.26 12.96 -30.98
CA VAL B 179 5.80 13.10 -31.08
C VAL B 179 5.42 11.82 -31.83
N ASP B 180 4.36 11.17 -31.44
CA ASP B 180 3.85 9.94 -32.03
C ASP B 180 4.92 8.97 -32.56
N GLY B 181 5.98 8.77 -31.81
CA GLY B 181 7.08 7.88 -32.11
C GLY B 181 6.66 6.43 -32.16
N GLY B 182 5.46 6.04 -31.86
CA GLY B 182 4.90 4.73 -31.82
C GLY B 182 5.18 3.72 -30.72
N LEU B 183 4.92 2.46 -31.08
CA LEU B 183 5.04 1.27 -30.29
C LEU B 183 6.43 0.77 -29.92
N VAL B 184 6.68 0.47 -28.65
CA VAL B 184 7.91 -0.09 -28.09
C VAL B 184 7.57 -1.57 -27.79
N VAL B 185 8.29 -2.56 -28.29
CA VAL B 185 7.90 -3.94 -28.01
C VAL B 185 8.95 -4.55 -27.10
N GLY B 186 8.39 -5.03 -26.02
CA GLY B 186 9.19 -5.65 -24.97
C GLY B 186 8.62 -6.98 -24.54
N THR B 187 9.20 -7.42 -23.44
CA THR B 187 8.86 -8.67 -22.80
C THR B 187 9.50 -8.73 -21.41
N ILE B 188 9.14 -9.81 -20.76
CA ILE B 188 9.61 -10.27 -19.47
C ILE B 188 10.32 -11.61 -19.90
N ILE B 189 11.37 -11.78 -19.20
CA ILE B 189 12.31 -12.97 -19.24
C ILE B 189 11.71 -13.97 -18.30
N LYS B 190 11.47 -15.10 -18.92
CA LYS B 190 10.89 -16.27 -18.31
C LYS B 190 11.92 -17.36 -18.35
N PRO B 191 12.04 -18.21 -17.31
CA PRO B 191 11.24 -18.19 -16.07
C PRO B 191 11.34 -16.91 -15.30
N LYS B 192 10.29 -16.70 -14.52
CA LYS B 192 10.16 -15.54 -13.65
C LYS B 192 11.43 -15.44 -12.79
N LEU B 193 11.70 -16.53 -12.11
CA LEU B 193 12.84 -16.65 -11.22
C LEU B 193 13.57 -17.98 -11.43
N GLY B 194 14.88 -17.94 -11.18
CA GLY B 194 15.72 -19.10 -11.29
C GLY B 194 16.93 -19.02 -12.18
N LEU B 195 16.98 -18.05 -13.08
CA LEU B 195 18.09 -17.90 -14.01
C LEU B 195 19.32 -17.32 -13.32
N ARG B 196 20.44 -17.96 -13.59
CA ARG B 196 21.74 -17.54 -13.01
C ARG B 196 22.13 -16.34 -13.83
N PRO B 197 23.00 -15.53 -13.31
CA PRO B 197 23.46 -14.30 -13.95
C PRO B 197 23.73 -14.43 -15.45
N LYS B 198 24.72 -15.19 -15.85
CA LYS B 198 25.13 -15.45 -17.25
C LYS B 198 23.98 -15.89 -18.12
N PRO B 199 23.31 -16.98 -17.81
CA PRO B 199 22.15 -17.48 -18.56
C PRO B 199 21.09 -16.38 -18.75
N PHE B 200 20.81 -15.57 -17.77
CA PHE B 200 19.90 -14.46 -17.70
C PHE B 200 20.21 -13.38 -18.76
N ALA B 201 21.45 -12.91 -18.75
CA ALA B 201 22.07 -11.93 -19.62
C ALA B 201 22.02 -12.40 -21.08
N GLU B 202 22.15 -13.70 -21.33
CA GLU B 202 22.10 -14.29 -22.66
C GLU B 202 20.66 -14.41 -23.15
N ALA B 203 19.68 -14.53 -22.28
CA ALA B 203 18.26 -14.61 -22.60
C ALA B 203 17.86 -13.19 -23.03
N CYS B 204 18.39 -12.18 -22.35
CA CYS B 204 18.11 -10.78 -22.70
C CYS B 204 18.65 -10.44 -24.12
N HIS B 205 19.89 -10.84 -24.33
CA HIS B 205 20.70 -10.70 -25.55
C HIS B 205 19.88 -11.22 -26.72
N ALA B 206 19.51 -12.48 -26.62
CA ALA B 206 18.67 -13.21 -27.56
C ALA B 206 17.42 -12.41 -27.85
N PHE B 207 16.65 -11.93 -26.90
CA PHE B 207 15.42 -11.16 -27.16
C PHE B 207 15.62 -9.84 -27.94
N TRP B 208 16.65 -9.12 -27.55
CA TRP B 208 17.12 -7.84 -28.06
C TRP B 208 17.43 -8.01 -29.55
N LEU B 209 17.75 -9.19 -30.04
CA LEU B 209 17.96 -9.42 -31.47
C LEU B 209 16.69 -9.15 -32.28
N GLY B 210 15.51 -9.24 -31.69
CA GLY B 210 14.24 -9.05 -32.33
C GLY B 210 13.37 -7.93 -31.79
N GLY B 211 13.58 -7.56 -30.52
CA GLY B 211 12.77 -6.54 -29.85
C GLY B 211 13.49 -5.37 -29.24
N ASP B 212 12.77 -4.48 -28.56
CA ASP B 212 13.38 -3.31 -27.98
C ASP B 212 13.65 -3.21 -26.48
N PHE B 213 12.65 -3.65 -25.77
CA PHE B 213 12.63 -3.51 -24.31
C PHE B 213 12.57 -4.82 -23.54
N ILE B 214 13.35 -4.81 -22.45
CA ILE B 214 13.36 -5.97 -21.57
C ILE B 214 13.17 -5.42 -20.15
N LYS B 215 12.33 -6.12 -19.52
CA LYS B 215 11.87 -5.75 -18.18
C LYS B 215 12.14 -6.89 -17.19
N ASN B 216 12.57 -6.58 -15.96
CA ASN B 216 12.79 -7.55 -14.87
C ASN B 216 11.36 -8.01 -14.46
N ASP B 217 11.27 -9.26 -14.03
CA ASP B 217 9.95 -9.75 -13.55
C ASP B 217 9.92 -9.06 -12.17
N GLU B 218 8.75 -8.79 -11.69
CA GLU B 218 8.46 -8.14 -10.41
C GLU B 218 9.35 -8.60 -9.28
N PRO B 219 9.54 -9.88 -9.03
CA PRO B 219 10.39 -10.34 -7.94
C PRO B 219 11.90 -10.35 -8.11
N GLN B 220 12.49 -10.29 -9.28
CA GLN B 220 13.93 -10.33 -9.47
C GLN B 220 14.63 -9.15 -8.86
N GLY B 221 15.70 -9.42 -8.14
CA GLY B 221 16.49 -8.34 -7.50
C GLY B 221 17.84 -9.00 -7.19
N ASN B 222 18.05 -9.09 -5.89
CA ASN B 222 19.30 -9.71 -5.39
C ASN B 222 19.11 -11.08 -4.76
N GLN B 223 18.46 -12.04 -5.43
CA GLN B 223 18.31 -13.39 -4.85
C GLN B 223 19.75 -13.91 -4.79
N PRO B 224 20.04 -14.93 -3.99
CA PRO B 224 21.40 -15.47 -3.82
C PRO B 224 22.00 -16.26 -4.99
N PHE B 225 21.18 -16.86 -5.81
CA PHE B 225 21.50 -17.62 -7.00
C PHE B 225 21.84 -16.65 -8.14
N ALA B 226 21.40 -15.42 -8.11
CA ALA B 226 21.58 -14.35 -9.09
C ALA B 226 21.73 -12.95 -8.50
N PRO B 227 22.90 -12.72 -7.89
CA PRO B 227 23.14 -11.42 -7.28
C PRO B 227 22.93 -10.32 -8.32
N LEU B 228 22.20 -9.31 -7.92
CA LEU B 228 21.85 -8.07 -8.59
C LEU B 228 23.11 -7.48 -9.25
N ARG B 229 24.14 -7.27 -8.44
CA ARG B 229 25.41 -6.69 -8.91
C ARG B 229 26.02 -7.48 -10.06
N ASP B 230 26.11 -8.79 -9.95
CA ASP B 230 26.65 -9.60 -11.04
C ASP B 230 25.67 -9.50 -12.24
N THR B 231 24.44 -9.90 -12.07
CA THR B 231 23.46 -9.85 -13.13
C THR B 231 23.29 -8.56 -13.86
N ILE B 232 23.52 -7.40 -13.27
CA ILE B 232 23.33 -6.09 -13.89
C ILE B 232 24.60 -5.81 -14.69
N ALA B 233 25.69 -6.32 -14.17
CA ALA B 233 27.00 -6.16 -14.85
C ALA B 233 26.88 -6.95 -16.17
N LEU B 234 26.42 -8.19 -16.10
CA LEU B 234 26.28 -9.01 -17.28
C LEU B 234 25.17 -8.49 -18.21
N VAL B 235 24.09 -7.89 -17.69
CA VAL B 235 23.02 -7.44 -18.56
C VAL B 235 23.40 -6.21 -19.39
N ALA B 236 24.21 -5.33 -18.87
CA ALA B 236 24.70 -4.10 -19.47
C ALA B 236 25.57 -4.43 -20.70
N ASP B 237 26.28 -5.52 -20.53
CA ASP B 237 27.17 -6.23 -21.42
C ASP B 237 26.45 -6.83 -22.64
N ALA B 238 25.34 -7.51 -22.38
CA ALA B 238 24.50 -8.11 -23.41
C ALA B 238 23.81 -6.98 -24.18
N MET B 239 23.67 -5.83 -23.54
CA MET B 239 23.07 -4.62 -24.09
C MET B 239 24.08 -4.07 -25.10
N ARG B 240 25.35 -3.98 -24.74
CA ARG B 240 26.41 -3.51 -25.65
C ARG B 240 26.47 -4.46 -26.87
N ARG B 241 26.53 -5.73 -26.54
CA ARG B 241 26.57 -6.80 -27.52
C ARG B 241 25.43 -6.66 -28.52
N ALA B 242 24.22 -6.81 -28.03
CA ALA B 242 22.99 -6.70 -28.82
C ALA B 242 22.98 -5.37 -29.60
N GLN B 243 23.39 -4.25 -29.06
CA GLN B 243 23.41 -2.98 -29.77
C GLN B 243 24.45 -2.92 -30.90
N ASP B 244 25.57 -3.62 -30.81
CA ASP B 244 26.62 -3.72 -31.81
C ASP B 244 26.17 -4.59 -32.99
N GLU B 245 25.58 -5.72 -32.76
CA GLU B 245 25.08 -6.65 -33.74
C GLU B 245 23.81 -6.33 -34.52
N THR B 246 23.07 -5.35 -34.09
CA THR B 246 21.78 -4.96 -34.68
C THR B 246 21.89 -3.56 -35.21
N GLY B 247 22.88 -2.89 -34.65
CA GLY B 247 23.12 -1.48 -34.98
C GLY B 247 21.89 -0.72 -34.51
N GLU B 248 21.29 -1.05 -33.36
CA GLU B 248 20.10 -0.35 -32.84
C GLU B 248 20.15 -0.19 -31.32
N ALA B 249 19.29 0.66 -30.79
CA ALA B 249 19.16 0.97 -29.36
C ALA B 249 18.17 -0.01 -28.71
N LYS B 250 18.66 -0.52 -27.59
CA LYS B 250 17.93 -1.50 -26.75
C LYS B 250 17.64 -0.87 -25.39
N LEU B 251 16.53 -1.28 -24.80
CA LEU B 251 16.01 -0.80 -23.52
C LEU B 251 15.85 -1.89 -22.44
N PHE B 252 16.20 -1.52 -21.21
CA PHE B 252 16.10 -2.37 -20.01
C PHE B 252 15.50 -1.64 -18.79
N SER B 253 14.56 -2.31 -18.17
CA SER B 253 13.86 -1.81 -16.94
C SER B 253 14.34 -2.59 -15.72
N ALA B 254 15.17 -2.12 -14.86
CA ALA B 254 15.75 -2.82 -13.73
C ALA B 254 14.95 -2.56 -12.48
N ASN B 255 14.56 -3.65 -11.84
CA ASN B 255 13.79 -3.54 -10.57
C ASN B 255 14.66 -2.99 -9.45
N ILE B 256 14.27 -1.83 -8.91
CA ILE B 256 15.06 -1.25 -7.80
C ILE B 256 14.17 -1.11 -6.54
N THR B 257 13.10 -1.87 -6.48
CA THR B 257 12.17 -1.82 -5.34
C THR B 257 12.80 -2.37 -4.06
N ALA B 258 12.61 -1.63 -3.00
CA ALA B 258 13.17 -2.06 -1.69
C ALA B 258 12.35 -1.38 -0.61
N ASP B 259 12.55 -1.74 0.64
CA ASP B 259 11.85 -1.12 1.77
C ASP B 259 12.54 0.20 2.13
N ASP B 260 13.85 0.13 2.18
CA ASP B 260 14.65 1.31 2.53
C ASP B 260 14.91 2.20 1.32
N PRO B 261 14.64 3.50 1.39
CA PRO B 261 14.89 4.51 0.36
C PRO B 261 16.31 4.53 -0.16
N PHE B 262 17.24 4.41 0.79
CA PHE B 262 18.67 4.39 0.59
C PHE B 262 19.13 3.15 -0.12
N GLU B 263 18.34 2.09 -0.06
CA GLU B 263 18.65 0.82 -0.72
C GLU B 263 18.12 1.02 -2.16
N ILE B 264 17.02 1.74 -2.24
CA ILE B 264 16.41 2.03 -3.55
C ILE B 264 17.39 2.88 -4.39
N ILE B 265 17.79 3.96 -3.76
CA ILE B 265 18.76 4.96 -4.23
C ILE B 265 20.04 4.20 -4.59
N ALA B 266 20.52 3.28 -3.77
CA ALA B 266 21.73 2.54 -4.08
C ALA B 266 21.54 1.61 -5.28
N ARG B 267 20.44 0.95 -5.46
CA ARG B 267 20.15 0.05 -6.57
C ARG B 267 20.22 0.87 -7.85
N GLY B 268 19.53 1.98 -7.85
CA GLY B 268 19.44 2.98 -8.92
C GLY B 268 20.80 3.48 -9.37
N GLU B 269 21.61 3.97 -8.45
CA GLU B 269 22.97 4.44 -8.68
C GLU B 269 23.83 3.29 -9.19
N TYR B 270 23.74 2.11 -8.61
CA TYR B 270 24.52 0.99 -9.11
C TYR B 270 24.15 0.68 -10.56
N VAL B 271 22.89 0.54 -10.89
CA VAL B 271 22.39 0.23 -12.22
C VAL B 271 22.78 1.29 -13.25
N LEU B 272 22.62 2.57 -12.99
CA LEU B 272 22.92 3.60 -13.98
C LEU B 272 24.41 3.64 -14.28
N GLU B 273 25.17 3.50 -13.23
CA GLU B 273 26.64 3.51 -13.27
C GLU B 273 27.22 2.41 -14.14
N THR B 274 26.71 1.21 -13.93
CA THR B 274 27.06 -0.04 -14.57
C THR B 274 26.69 0.03 -16.05
N PHE B 275 25.58 0.69 -16.38
CA PHE B 275 25.16 0.79 -17.78
C PHE B 275 26.01 1.85 -18.48
N GLY B 276 26.63 2.70 -17.72
CA GLY B 276 27.50 3.78 -18.19
C GLY B 276 26.96 4.61 -19.33
N GLU B 277 27.46 4.35 -20.51
CA GLU B 277 27.08 5.05 -21.76
C GLU B 277 25.59 4.87 -22.13
N ASN B 278 25.06 3.73 -21.75
CA ASN B 278 23.72 3.27 -21.93
C ASN B 278 22.77 3.56 -20.76
N ALA B 279 23.12 4.46 -19.88
CA ALA B 279 22.33 4.81 -18.69
C ALA B 279 20.99 5.42 -19.05
N SER B 280 20.93 6.11 -20.17
CA SER B 280 19.73 6.73 -20.73
C SER B 280 18.81 5.66 -21.33
N HIS B 281 19.26 4.44 -21.46
CA HIS B 281 18.50 3.31 -21.98
C HIS B 281 17.83 2.47 -20.86
N VAL B 282 18.03 2.87 -19.61
CA VAL B 282 17.49 2.14 -18.47
C VAL B 282 16.26 2.81 -17.87
N ALA B 283 15.30 1.93 -17.64
CA ALA B 283 14.05 2.43 -17.01
C ALA B 283 14.22 1.89 -15.58
N LEU B 284 13.75 2.59 -14.62
CA LEU B 284 13.82 2.19 -13.22
C LEU B 284 12.40 1.69 -12.95
N LEU B 285 12.35 0.44 -12.58
CA LEU B 285 11.14 -0.30 -12.24
C LEU B 285 11.02 -0.37 -10.71
N VAL B 286 9.86 0.11 -10.28
CA VAL B 286 9.44 0.20 -8.89
C VAL B 286 8.02 -0.33 -8.69
N ASP B 287 7.91 -1.40 -7.93
CA ASP B 287 6.62 -2.05 -7.58
C ASP B 287 5.99 -1.15 -6.50
N GLY B 288 5.29 -0.16 -7.00
CA GLY B 288 4.60 0.90 -6.30
C GLY B 288 3.46 0.49 -5.43
N TYR B 289 2.79 -0.61 -5.79
CA TYR B 289 1.68 -1.06 -4.93
C TYR B 289 2.28 -1.60 -3.63
N VAL B 290 3.09 -2.61 -3.60
CA VAL B 290 3.73 -3.21 -2.44
C VAL B 290 4.80 -2.47 -1.63
N ALA B 291 5.36 -1.38 -2.08
CA ALA B 291 6.42 -0.67 -1.34
C ALA B 291 5.83 0.68 -1.05
N GLY B 292 4.81 0.99 -1.80
CA GLY B 292 4.02 2.21 -1.74
C GLY B 292 4.59 3.47 -2.34
N ALA B 293 3.80 4.48 -2.06
CA ALA B 293 3.95 5.87 -2.44
C ALA B 293 5.34 6.43 -2.22
N ALA B 294 6.04 6.21 -1.14
CA ALA B 294 7.40 6.72 -0.87
C ALA B 294 8.52 6.08 -1.71
N ALA B 295 8.24 4.84 -2.16
CA ALA B 295 9.17 4.09 -3.01
C ALA B 295 9.21 4.96 -4.30
N ILE B 296 8.07 5.03 -4.93
CA ILE B 296 7.81 5.80 -6.12
C ILE B 296 8.35 7.22 -6.11
N THR B 297 8.17 7.94 -5.01
CA THR B 297 8.62 9.32 -4.86
C THR B 297 10.13 9.38 -4.69
N THR B 298 10.69 8.32 -4.17
CA THR B 298 12.13 8.17 -3.97
C THR B 298 12.73 8.13 -5.39
N ALA B 299 12.28 7.18 -6.21
CA ALA B 299 12.71 7.00 -7.60
C ALA B 299 12.35 8.27 -8.39
N ARG B 300 11.16 8.84 -8.36
CA ARG B 300 10.83 10.05 -9.07
C ARG B 300 11.68 11.26 -8.80
N ARG B 301 12.20 11.54 -7.66
CA ARG B 301 12.98 12.69 -7.29
C ARG B 301 14.46 12.44 -7.25
N ARG B 302 14.91 11.22 -7.10
CA ARG B 302 16.36 10.93 -7.06
C ARG B 302 16.88 10.78 -8.49
N PHE B 303 16.03 10.34 -9.38
CA PHE B 303 16.27 10.06 -10.78
C PHE B 303 15.12 10.55 -11.67
N PRO B 304 14.97 11.84 -11.77
CA PRO B 304 13.93 12.47 -12.58
C PRO B 304 14.14 12.27 -14.08
N ASP B 305 15.37 12.05 -14.53
CA ASP B 305 15.75 11.84 -15.92
C ASP B 305 15.49 10.43 -16.44
N ASN B 306 15.34 9.44 -15.56
CA ASN B 306 15.08 8.10 -16.07
C ASN B 306 13.59 7.80 -15.94
N PHE B 307 13.10 7.07 -16.89
CA PHE B 307 11.74 6.61 -16.99
C PHE B 307 11.44 5.70 -15.79
N LEU B 308 10.47 6.19 -15.02
CA LEU B 308 9.95 5.49 -13.83
C LEU B 308 8.78 4.58 -14.23
N HIS B 309 9.16 3.33 -14.34
CA HIS B 309 8.24 2.26 -14.70
C HIS B 309 7.54 1.76 -13.42
N TYR B 310 6.30 2.14 -13.29
CA TYR B 310 5.36 1.82 -12.22
C TYR B 310 4.62 0.52 -12.57
N HIS B 311 5.12 -0.59 -12.05
CA HIS B 311 4.42 -1.87 -12.30
C HIS B 311 3.38 -1.97 -11.16
N ARG B 312 2.15 -2.29 -11.52
CA ARG B 312 1.09 -2.38 -10.48
C ARG B 312 0.91 -3.86 -10.14
N ALA B 313 1.46 -4.22 -8.98
CA ALA B 313 1.41 -5.60 -8.46
C ALA B 313 0.95 -5.55 -7.00
N GLY B 314 -0.05 -6.38 -6.75
CA GLY B 314 -0.74 -6.54 -5.46
C GLY B 314 -2.17 -5.96 -5.54
N HIS B 315 -2.24 -4.83 -6.21
CA HIS B 315 -3.27 -3.89 -6.57
C HIS B 315 -4.67 -4.46 -6.76
N GLY B 316 -4.75 -5.65 -7.34
CA GLY B 316 -6.01 -6.38 -7.57
C GLY B 316 -6.80 -6.45 -6.26
N ALA B 317 -6.17 -6.74 -5.15
CA ALA B 317 -6.81 -6.80 -3.83
C ALA B 317 -7.90 -5.75 -3.63
N VAL B 318 -7.64 -4.50 -3.95
CA VAL B 318 -8.50 -3.33 -3.84
C VAL B 318 -9.25 -2.87 -5.10
N THR B 319 -8.53 -2.86 -6.20
CA THR B 319 -8.87 -2.45 -7.55
C THR B 319 -9.95 -3.28 -8.21
N SER B 320 -9.86 -4.55 -7.89
CA SER B 320 -10.74 -5.62 -8.35
C SER B 320 -12.20 -5.16 -8.40
N PRO B 321 -12.83 -5.60 -9.48
CA PRO B 321 -14.26 -5.31 -9.69
C PRO B 321 -15.03 -5.94 -8.53
N GLN B 322 -14.57 -7.13 -8.18
CA GLN B 322 -15.03 -8.02 -7.11
C GLN B 322 -15.05 -7.29 -5.78
N SER B 323 -14.01 -6.55 -5.46
CA SER B 323 -13.97 -5.80 -4.18
C SER B 323 -14.90 -4.58 -4.19
N LYS B 324 -15.70 -4.35 -3.16
CA LYS B 324 -16.58 -3.17 -3.16
C LYS B 324 -16.00 -2.04 -2.32
N ARG B 325 -14.73 -2.13 -2.01
CA ARG B 325 -14.06 -1.10 -1.20
C ARG B 325 -12.74 -0.70 -1.85
N GLY B 326 -12.26 0.44 -1.44
CA GLY B 326 -11.02 1.09 -1.85
C GLY B 326 -11.33 2.00 -3.04
N TYR B 327 -10.68 1.65 -4.15
CA TYR B 327 -10.86 2.42 -5.39
C TYR B 327 -10.68 1.58 -6.64
N THR B 328 -11.09 2.22 -7.67
CA THR B 328 -11.06 1.78 -9.07
C THR B 328 -9.63 1.79 -9.57
N ALA B 329 -9.41 1.11 -10.68
CA ALA B 329 -8.10 1.04 -11.37
C ALA B 329 -7.98 2.40 -12.08
N PHE B 330 -9.08 2.90 -12.63
CA PHE B 330 -9.10 4.23 -13.22
C PHE B 330 -8.52 5.20 -12.18
N VAL B 331 -9.05 5.25 -10.96
CA VAL B 331 -8.58 6.11 -9.87
C VAL B 331 -7.08 5.91 -9.61
N HIS B 332 -6.66 4.66 -9.53
CA HIS B 332 -5.29 4.23 -9.29
C HIS B 332 -4.33 4.90 -10.25
N CYS B 333 -4.64 4.73 -11.51
CA CYS B 333 -3.97 5.19 -12.74
C CYS B 333 -3.90 6.68 -12.71
N LYS B 334 -4.99 7.34 -12.44
CA LYS B 334 -5.00 8.83 -12.31
C LYS B 334 -4.10 9.36 -11.22
N MET B 335 -3.98 8.66 -10.10
CA MET B 335 -3.10 9.04 -8.98
C MET B 335 -1.64 9.04 -9.41
N ALA B 336 -1.27 7.98 -10.13
CA ALA B 336 0.07 7.68 -10.70
C ALA B 336 0.56 8.82 -11.59
N ARG B 337 -0.30 9.43 -12.38
CA ARG B 337 0.11 10.56 -13.20
C ARG B 337 0.65 11.67 -12.28
N LEU B 338 -0.18 12.08 -11.34
CA LEU B 338 0.14 13.11 -10.32
C LEU B 338 1.38 12.78 -9.52
N GLN B 339 1.63 11.55 -9.14
CA GLN B 339 2.82 11.17 -8.38
C GLN B 339 4.07 11.27 -9.25
N GLY B 340 3.88 11.04 -10.53
CA GLY B 340 4.95 11.13 -11.48
C GLY B 340 5.39 9.82 -12.05
N ALA B 341 4.52 8.85 -12.18
CA ALA B 341 5.01 7.59 -12.78
C ALA B 341 5.14 7.95 -14.28
N SER B 342 6.21 7.45 -14.87
CA SER B 342 6.57 7.63 -16.29
C SER B 342 5.64 6.82 -17.19
N GLY B 343 5.42 5.59 -16.80
CA GLY B 343 4.52 4.65 -17.51
C GLY B 343 3.88 3.80 -16.40
N ILE B 344 2.74 3.24 -16.67
CA ILE B 344 2.02 2.42 -15.72
C ILE B 344 1.30 1.30 -16.47
N HIS B 345 1.45 0.13 -15.87
CA HIS B 345 0.81 -1.09 -16.37
C HIS B 345 -0.69 -0.90 -16.42
N THR B 346 -1.40 -1.40 -17.38
CA THR B 346 -2.83 -1.35 -17.59
C THR B 346 -3.26 -2.68 -18.21
N GLY B 347 -4.42 -2.57 -18.80
CA GLY B 347 -5.18 -3.52 -19.55
C GLY B 347 -4.63 -4.86 -19.98
N THR B 348 -4.16 -5.65 -19.05
CA THR B 348 -3.68 -7.00 -19.25
C THR B 348 -4.85 -7.84 -19.79
N MET B 349 -6.08 -7.52 -19.40
CA MET B 349 -7.21 -8.36 -19.87
C MET B 349 -7.10 -9.66 -19.07
N GLY B 350 -6.98 -10.81 -19.69
CA GLY B 350 -6.84 -12.12 -18.98
C GLY B 350 -7.45 -13.33 -19.68
N PHE B 351 -8.69 -13.13 -20.12
CA PHE B 351 -9.54 -14.12 -20.78
C PHE B 351 -10.99 -13.74 -20.41
N GLY B 352 -11.39 -12.65 -21.05
CA GLY B 352 -12.76 -12.13 -20.83
C GLY B 352 -13.33 -11.75 -22.21
N LYS B 353 -13.15 -12.62 -23.05
CA LYS B 353 -13.45 -12.28 -24.44
C LYS B 353 -14.86 -12.55 -24.87
N GLY B 356 -19.68 -9.48 -23.77
CA GLY B 356 -19.64 -8.21 -23.04
C GLY B 356 -18.49 -7.33 -23.59
N GLU B 357 -17.68 -6.96 -22.65
CA GLU B 357 -16.46 -6.11 -22.71
C GLU B 357 -16.52 -5.19 -21.42
N SER B 358 -17.25 -4.14 -21.58
CA SER B 358 -17.57 -3.05 -20.67
C SER B 358 -16.41 -2.05 -20.55
N SER B 359 -16.04 -1.72 -19.31
CA SER B 359 -14.97 -0.74 -19.11
C SER B 359 -13.51 -1.14 -18.90
N ASP B 360 -12.75 -0.03 -18.94
CA ASP B 360 -11.29 0.11 -18.85
C ASP B 360 -10.92 0.88 -20.14
N ARG B 361 -11.51 2.02 -20.50
CA ARG B 361 -11.17 2.75 -21.73
C ARG B 361 -10.70 4.20 -21.48
N ALA B 362 -11.49 4.89 -20.68
CA ALA B 362 -11.20 6.27 -20.30
C ALA B 362 -9.82 6.44 -19.67
N ILE B 363 -9.13 5.41 -19.25
CA ILE B 363 -7.84 5.31 -18.63
C ILE B 363 -6.71 5.77 -19.55
N ALA B 364 -6.78 5.32 -20.78
CA ALA B 364 -5.80 5.64 -21.84
C ALA B 364 -5.75 7.15 -22.05
N TYR B 365 -6.84 7.84 -22.28
CA TYR B 365 -6.97 9.28 -22.47
C TYR B 365 -6.70 10.05 -21.18
N MET B 366 -7.22 9.60 -20.04
CA MET B 366 -6.97 10.21 -18.75
C MET B 366 -5.46 10.27 -18.55
N LEU B 367 -4.73 9.22 -18.80
CA LEU B 367 -3.29 9.10 -18.67
C LEU B 367 -2.47 9.96 -19.63
N THR B 368 -2.96 10.20 -20.83
CA THR B 368 -2.23 10.93 -21.85
C THR B 368 -2.73 12.23 -22.39
N GLN B 369 -3.97 12.53 -22.29
CA GLN B 369 -4.47 13.83 -22.85
C GLN B 369 -4.18 14.95 -21.87
N ASP B 370 -4.51 16.17 -22.23
CA ASP B 370 -4.32 17.37 -21.44
C ASP B 370 -5.65 17.74 -20.73
N GLU B 371 -6.70 17.21 -21.31
CA GLU B 371 -8.08 17.32 -20.92
C GLU B 371 -8.78 16.00 -21.23
N ALA B 372 -9.31 15.39 -20.18
CA ALA B 372 -9.99 14.09 -20.43
C ALA B 372 -11.28 13.94 -19.65
N GLN B 373 -12.11 13.00 -20.06
CA GLN B 373 -13.37 12.80 -19.36
C GLN B 373 -13.26 11.48 -18.61
N GLY B 374 -13.63 11.60 -17.34
CA GLY B 374 -13.62 10.42 -16.46
C GLY B 374 -15.10 10.04 -16.35
N PRO B 375 -15.30 9.00 -15.57
CA PRO B 375 -16.66 8.50 -15.32
C PRO B 375 -17.55 9.56 -14.71
N PHE B 376 -17.04 10.57 -14.02
CA PHE B 376 -17.82 11.64 -13.41
C PHE B 376 -17.33 13.03 -13.76
N TYR B 377 -16.04 13.23 -13.84
CA TYR B 377 -15.40 14.50 -14.12
C TYR B 377 -14.39 14.61 -15.27
N ARG B 378 -14.51 15.77 -15.90
CA ARG B 378 -13.62 16.16 -17.00
C ARG B 378 -12.47 16.75 -16.17
N GLN B 379 -11.26 16.40 -16.53
CA GLN B 379 -10.04 16.82 -15.89
C GLN B 379 -9.12 17.48 -16.93
N SER B 380 -8.62 18.61 -16.57
CA SER B 380 -7.69 19.45 -17.29
C SER B 380 -6.36 19.18 -16.55
N TRP B 381 -5.27 19.01 -17.31
CA TRP B 381 -3.99 18.70 -16.62
C TRP B 381 -2.98 19.81 -16.68
N GLY B 382 -3.34 20.97 -17.21
CA GLY B 382 -2.47 22.14 -17.34
C GLY B 382 -1.11 21.92 -17.97
N GLY B 383 -0.89 21.01 -18.92
CA GLY B 383 0.43 20.82 -19.50
C GLY B 383 1.23 19.84 -18.71
N MET B 384 0.73 19.19 -17.67
CA MET B 384 1.40 18.15 -16.86
C MET B 384 1.57 16.95 -17.82
N LYS B 385 2.81 16.56 -17.87
CA LYS B 385 3.27 15.47 -18.76
C LYS B 385 2.38 14.23 -18.71
N ALA B 386 2.27 13.48 -19.79
CA ALA B 386 1.45 12.28 -19.89
C ALA B 386 2.20 11.11 -19.23
N CYS B 387 1.40 10.11 -18.85
CA CYS B 387 1.96 8.88 -18.22
C CYS B 387 1.58 7.83 -19.25
N THR B 388 2.50 7.04 -19.70
CA THR B 388 2.29 6.06 -20.76
C THR B 388 1.76 4.70 -20.36
N PRO B 389 0.73 4.25 -21.08
CA PRO B 389 0.11 2.94 -20.89
C PRO B 389 1.14 1.90 -21.28
N ILE B 390 1.30 0.85 -20.51
CA ILE B 390 2.21 -0.26 -20.74
C ILE B 390 1.20 -1.40 -20.84
N ILE B 391 0.96 -2.03 -21.96
CA ILE B 391 -0.04 -3.09 -21.99
C ILE B 391 0.73 -4.39 -22.03
N SER B 392 0.08 -5.44 -21.56
CA SER B 392 0.51 -6.80 -21.40
C SER B 392 -0.32 -7.84 -22.16
N GLY B 393 0.13 -9.05 -21.86
CA GLY B 393 -0.43 -10.27 -22.34
C GLY B 393 -0.23 -10.76 -23.74
N GLY B 394 -1.30 -11.42 -24.17
CA GLY B 394 -1.46 -12.08 -25.44
C GLY B 394 -1.81 -11.25 -26.63
N MET B 395 -1.17 -10.11 -26.78
CA MET B 395 -1.42 -9.26 -27.96
C MET B 395 -0.40 -9.83 -28.98
N ASN B 396 -0.99 -10.54 -29.92
CA ASN B 396 -0.36 -11.22 -31.05
C ASN B 396 -0.37 -10.15 -32.14
N ALA B 397 0.40 -10.31 -33.20
CA ALA B 397 0.49 -9.35 -34.29
C ALA B 397 -0.79 -9.16 -35.06
N LEU B 398 -1.72 -10.09 -35.03
CA LEU B 398 -2.97 -9.96 -35.77
C LEU B 398 -3.98 -9.03 -35.13
N ARG B 399 -4.04 -9.00 -33.81
CA ARG B 399 -4.97 -8.17 -33.05
C ARG B 399 -4.46 -6.76 -32.81
N MET B 400 -3.18 -6.57 -33.07
CA MET B 400 -2.47 -5.29 -32.90
C MET B 400 -3.16 -4.12 -33.59
N PRO B 401 -3.41 -4.27 -34.87
CA PRO B 401 -4.01 -3.21 -35.69
C PRO B 401 -5.34 -2.66 -35.24
N GLY B 402 -6.19 -3.56 -34.79
CA GLY B 402 -7.53 -3.31 -34.27
C GLY B 402 -7.44 -2.55 -32.94
N PHE B 403 -6.45 -2.90 -32.17
CA PHE B 403 -6.13 -2.29 -30.87
C PHE B 403 -5.82 -0.82 -31.14
N PHE B 404 -4.88 -0.54 -32.01
CA PHE B 404 -4.41 0.78 -32.42
C PHE B 404 -5.53 1.60 -33.06
N GLU B 405 -6.34 0.95 -33.87
CA GLU B 405 -7.45 1.67 -34.50
C GLU B 405 -8.36 2.18 -33.39
N ASN B 406 -8.59 1.34 -32.41
CA ASN B 406 -9.40 1.67 -31.25
C ASN B 406 -8.83 2.72 -30.30
N LEU B 407 -7.56 2.65 -29.91
CA LEU B 407 -6.97 3.64 -28.99
C LEU B 407 -6.83 4.97 -29.70
N GLY B 408 -6.53 4.91 -30.98
CA GLY B 408 -6.35 6.07 -31.86
C GLY B 408 -4.87 6.31 -32.16
N ASN B 409 -4.02 5.51 -31.52
CA ASN B 409 -2.58 5.63 -31.70
C ASN B 409 -1.94 4.34 -31.21
N ALA B 410 -0.65 4.27 -31.37
CA ALA B 410 0.17 3.14 -31.00
C ALA B 410 1.17 3.58 -29.95
N ASN B 411 1.08 4.74 -29.35
CA ASN B 411 2.06 5.19 -28.36
C ASN B 411 2.15 4.44 -27.04
N VAL B 412 2.40 3.17 -26.94
CA VAL B 412 2.48 2.45 -25.71
C VAL B 412 3.69 1.52 -25.80
N ILE B 413 3.98 0.95 -24.63
CA ILE B 413 5.04 -0.01 -24.42
C ILE B 413 4.25 -1.33 -24.30
N LEU B 414 4.60 -2.32 -25.04
CA LEU B 414 3.98 -3.66 -25.05
C LEU B 414 5.03 -4.66 -24.52
N THR B 415 4.62 -5.36 -23.48
CA THR B 415 5.42 -6.38 -22.77
C THR B 415 4.67 -7.69 -23.06
N ALA B 416 4.99 -8.12 -24.24
CA ALA B 416 4.50 -9.29 -24.95
C ALA B 416 4.99 -10.57 -24.28
N GLY B 417 4.10 -11.54 -24.34
CA GLY B 417 4.31 -12.87 -23.79
C GLY B 417 4.00 -13.87 -24.90
N GLY B 418 2.71 -14.02 -25.13
CA GLY B 418 2.15 -14.94 -26.13
C GLY B 418 2.26 -14.47 -27.57
N GLY B 419 2.27 -13.16 -27.74
CA GLY B 419 2.41 -12.48 -29.05
C GLY B 419 3.81 -12.82 -29.59
N ALA B 420 4.78 -12.76 -28.72
CA ALA B 420 6.18 -13.04 -28.97
C ALA B 420 6.46 -14.54 -28.97
N PHE B 421 6.41 -15.07 -27.74
CA PHE B 421 6.66 -16.46 -27.41
C PHE B 421 5.85 -17.47 -28.20
N GLY B 422 4.62 -17.24 -28.54
CA GLY B 422 3.76 -18.13 -29.27
C GLY B 422 3.87 -18.30 -30.77
N HIS B 423 4.82 -17.59 -31.35
CA HIS B 423 5.10 -17.62 -32.80
C HIS B 423 5.89 -18.90 -33.13
N ILE B 424 5.57 -19.60 -34.20
CA ILE B 424 6.26 -20.82 -34.62
C ILE B 424 7.76 -20.66 -34.84
N ASP B 425 8.22 -19.44 -35.07
CA ASP B 425 9.67 -19.22 -35.31
C ASP B 425 10.43 -18.80 -34.06
N GLY B 426 9.68 -18.69 -32.98
CA GLY B 426 10.29 -18.31 -31.70
C GLY B 426 10.00 -16.86 -31.37
N PRO B 427 10.37 -16.51 -30.15
CA PRO B 427 10.18 -15.17 -29.60
C PRO B 427 10.75 -14.04 -30.43
N VAL B 428 11.91 -14.16 -30.99
CA VAL B 428 12.58 -13.15 -31.83
C VAL B 428 11.78 -12.78 -33.05
N ALA B 429 11.19 -13.76 -33.71
CA ALA B 429 10.33 -13.63 -34.91
C ALA B 429 8.98 -13.08 -34.41
N GLY B 430 8.71 -13.56 -33.20
CA GLY B 430 7.48 -13.12 -32.51
C GLY B 430 7.57 -11.57 -32.37
N ALA B 431 8.66 -11.09 -31.82
CA ALA B 431 8.97 -9.69 -31.60
C ALA B 431 8.97 -8.92 -32.92
N ARG B 432 9.72 -9.43 -33.90
CA ARG B 432 9.74 -8.75 -35.21
C ARG B 432 8.36 -8.61 -35.84
N SER B 433 7.53 -9.63 -35.72
CA SER B 433 6.16 -9.59 -36.27
C SER B 433 5.35 -8.47 -35.62
N LEU B 434 5.48 -8.13 -34.37
CA LEU B 434 4.73 -7.06 -33.68
C LEU B 434 5.23 -5.71 -34.22
N ARG B 435 6.53 -5.58 -34.40
CA ARG B 435 7.14 -4.37 -34.97
C ARG B 435 6.51 -4.25 -36.35
N GLN B 436 6.58 -5.28 -37.17
CA GLN B 436 6.00 -5.34 -38.50
C GLN B 436 4.55 -4.90 -38.58
N ALA B 437 3.69 -5.32 -37.71
CA ALA B 437 2.27 -5.02 -37.58
C ALA B 437 2.00 -3.55 -37.27
N TRP B 438 2.84 -2.91 -36.50
CA TRP B 438 2.67 -1.48 -36.17
C TRP B 438 2.98 -0.62 -37.41
N GLN B 439 4.05 -0.99 -38.10
CA GLN B 439 4.66 -0.44 -39.33
C GLN B 439 3.57 -0.50 -40.38
N ALA B 440 2.98 -1.64 -40.63
CA ALA B 440 1.85 -1.71 -41.59
C ALA B 440 0.79 -0.67 -41.24
N TRP B 441 0.32 -0.67 -40.00
CA TRP B 441 -0.70 0.19 -39.39
C TRP B 441 -0.36 1.68 -39.52
N ARG B 442 0.81 2.01 -39.09
CA ARG B 442 1.36 3.39 -39.12
C ARG B 442 1.31 3.93 -40.54
N ASP B 443 1.80 3.22 -41.55
CA ASP B 443 1.85 3.55 -42.95
C ASP B 443 0.52 3.38 -43.69
N GLY B 444 -0.51 2.88 -43.05
CA GLY B 444 -1.83 2.70 -43.65
C GLY B 444 -1.84 1.65 -44.74
N VAL B 445 -1.09 0.60 -44.53
CA VAL B 445 -0.94 -0.53 -45.42
C VAL B 445 -1.68 -1.76 -44.88
N PRO B 446 -2.53 -2.29 -45.71
CA PRO B 446 -3.28 -3.50 -45.35
C PRO B 446 -2.24 -4.53 -44.93
N VAL B 447 -2.52 -5.23 -43.87
CA VAL B 447 -1.74 -6.24 -43.19
C VAL B 447 -1.34 -7.42 -44.06
N LEU B 448 -2.27 -7.87 -44.87
CA LEU B 448 -2.11 -9.01 -45.80
C LEU B 448 -1.09 -8.66 -46.90
N ASP B 449 -1.16 -7.40 -47.32
CA ASP B 449 -0.25 -6.88 -48.34
C ASP B 449 1.20 -6.92 -47.85
N TYR B 450 1.30 -6.45 -46.61
CA TYR B 450 2.54 -6.36 -45.85
C TYR B 450 3.13 -7.70 -45.42
N ALA B 451 2.17 -8.58 -45.16
CA ALA B 451 2.45 -9.96 -44.73
C ALA B 451 3.12 -10.68 -45.90
N ARG B 452 2.61 -10.32 -47.09
CA ARG B 452 3.08 -10.83 -48.38
C ARG B 452 4.56 -10.50 -48.56
N GLU B 453 4.96 -9.32 -48.15
CA GLU B 453 6.33 -8.84 -48.23
C GLU B 453 7.16 -9.15 -46.99
N HIS B 454 6.53 -9.44 -45.87
CA HIS B 454 7.23 -9.69 -44.61
C HIS B 454 7.08 -11.06 -43.99
N LYS B 455 8.07 -11.92 -44.09
CA LYS B 455 8.10 -13.29 -43.59
C LYS B 455 7.55 -13.51 -42.20
N GLU B 456 8.01 -12.81 -41.19
CA GLU B 456 7.59 -12.91 -39.79
C GLU B 456 6.12 -12.61 -39.54
N LEU B 457 5.64 -11.60 -40.25
CA LEU B 457 4.22 -11.23 -40.18
C LEU B 457 3.40 -12.30 -40.90
N ALA B 458 3.94 -12.90 -41.95
CA ALA B 458 3.22 -13.91 -42.73
C ALA B 458 3.04 -15.16 -41.88
N ARG B 459 4.03 -15.42 -41.07
CA ARG B 459 4.07 -16.59 -40.18
C ARG B 459 3.43 -16.45 -38.80
N ALA B 460 2.87 -15.30 -38.53
CA ALA B 460 2.13 -14.95 -37.30
C ALA B 460 0.75 -15.57 -37.56
N PHE B 461 0.33 -15.43 -38.82
CA PHE B 461 -0.93 -15.96 -39.32
C PHE B 461 -1.05 -17.48 -39.11
N GLU B 462 0.02 -18.18 -39.32
CA GLU B 462 0.08 -19.63 -39.18
C GLU B 462 0.38 -20.04 -37.73
N SER B 463 0.78 -19.11 -36.92
CA SER B 463 1.11 -19.26 -35.51
C SER B 463 -0.16 -19.26 -34.66
N PHE B 464 -1.06 -18.38 -35.01
CA PHE B 464 -2.36 -18.12 -34.40
C PHE B 464 -3.40 -18.28 -35.51
N PRO B 465 -3.73 -19.51 -35.87
CA PRO B 465 -4.69 -19.78 -36.94
C PRO B 465 -6.06 -19.21 -36.67
N GLY B 466 -6.55 -19.45 -35.46
CA GLY B 466 -7.85 -19.00 -34.96
C GLY B 466 -8.08 -17.49 -35.02
N ASP B 467 -7.01 -16.77 -34.74
CA ASP B 467 -6.99 -15.31 -34.77
C ASP B 467 -7.18 -14.79 -36.21
N ALA B 468 -6.53 -15.53 -37.09
CA ALA B 468 -6.57 -15.22 -38.52
C ALA B 468 -7.90 -15.53 -39.18
N ASP B 469 -8.68 -16.48 -38.71
CA ASP B 469 -9.99 -16.82 -39.29
C ASP B 469 -10.98 -15.66 -39.06
N GLN B 470 -10.98 -15.26 -37.80
CA GLN B 470 -11.81 -14.23 -37.19
C GLN B 470 -11.51 -12.79 -37.53
N ILE B 471 -10.31 -12.43 -37.98
CA ILE B 471 -9.97 -11.05 -38.31
C ILE B 471 -9.57 -10.83 -39.77
N TYR B 472 -8.97 -11.84 -40.37
CA TYR B 472 -8.51 -11.82 -41.76
C TYR B 472 -9.08 -12.95 -42.58
N PRO B 473 -10.38 -12.86 -42.78
CA PRO B 473 -11.11 -13.88 -43.55
C PRO B 473 -10.29 -14.29 -44.76
N GLY B 474 -10.09 -15.60 -44.74
CA GLY B 474 -9.39 -16.36 -45.73
C GLY B 474 -8.01 -15.95 -46.14
N TRP B 475 -7.19 -15.58 -45.18
CA TRP B 475 -5.78 -15.23 -45.32
C TRP B 475 -5.01 -16.34 -46.05
N ARG B 476 -5.48 -17.56 -45.85
CA ARG B 476 -4.90 -18.76 -46.46
C ARG B 476 -4.55 -18.54 -47.93
N LYS B 477 -5.56 -18.12 -48.70
CA LYS B 477 -5.36 -17.90 -50.14
C LYS B 477 -4.20 -16.92 -50.35
N ALA B 478 -4.45 -15.75 -49.77
CA ALA B 478 -3.62 -14.56 -49.75
C ALA B 478 -2.13 -14.81 -49.61
N LEU B 479 -1.82 -15.49 -48.52
CA LEU B 479 -0.47 -15.83 -48.12
C LEU B 479 0.06 -17.11 -48.76
N GLY B 480 -0.82 -17.98 -49.22
CA GLY B 480 -0.43 -19.23 -49.86
C GLY B 480 0.00 -20.38 -49.00
N VAL B 481 -0.76 -20.67 -47.97
CA VAL B 481 -0.61 -21.79 -47.07
C VAL B 481 0.21 -21.68 -45.79
#